data_5E66
#
_entry.id   5E66
#
_cell.length_a   165.297
_cell.length_b   165.297
_cell.length_c   165.297
_cell.angle_alpha   90.00
_cell.angle_beta   90.00
_cell.angle_gamma   90.00
#
_symmetry.space_group_name_H-M   'I 21 3'
#
loop_
_entity.id
_entity.type
_entity.pdbx_description
1 polymer Hemagglutinin-esterase
2 polymer Hemagglutinin-esterase
3 branched alpha-D-mannopyranose-(1-3)-[alpha-D-mannopyranose-(1-6)]alpha-D-mannopyranose-(1-6)-beta-D-mannopyranose-(1-4)-2-acetamido-2-deoxy-beta-D-glucopyranose-(1-4)-2-acetamido-2-deoxy-beta-D-glucopyranose
4 branched 2-acetamido-2-deoxy-beta-D-glucopyranose-(1-4)-2-acetamido-2-deoxy-beta-D-glucopyranose
5 non-polymer 'CACODYLATE ION'
6 non-polymer '(6R)-5-acetamido-6-[(1S,2S)-3-acetamido-1,2-dihydroxypropyl]-3,5-dideoxy-beta-L-threo-hex-2-ulopyranosonic acid'
7 non-polymer 2-acetamido-2-deoxy-beta-D-glucopyranose
#
loop_
_entity_poly.entity_id
_entity_poly.type
_entity_poly.pdbx_seq_one_letter_code
_entity_poly.pdbx_strand_id
1 'polypeptide(L)'
;ELICIVQRVNESFSLHSGFGGNVYSMKTEPMTGFTNVTKGASVINQKDWIGFGDSRTDLTNDQFPASSDVPLAVAKKFRS
LSGASLMLSAFGPPGKVDYLYQGCGKEKVFYEGVNWSPEAGIDCFGSNWTQTKKDFYSRIYEAARSSTCMTLVNSLDTKI
SSTTATAGTASSCSSSWMKSPLWYAESSVNPGAKPQVCGTEQSATFTLPTSFGIYKCNKHVVQLCYFVYENKAKFNTFGC
GDYYQNYYDGNGNLIGGMDNRVAAYRGIANAGVKIECPSKILNPGTYSIKSTPRFLLVPKRSYCFDTDGGYPIQVVQSEW
SASRRSDNATEEACLQTEGCIFIKKTTPYVGEADDNHGDIEMRQLLSGLGNNDTVCVSQSGYTKGETPFVKDYLSPPKYG
RCQLKTDSGRIPTLPSGLIIPQAGTDS
;
A
2 'polypeptide(L)'
;IFGIDDLIFGLLFVGFVAGGVAGGYFWGRSNGGGGGASVSSTQAGFDKIGKDIQQLRNDTNAAIEGFNGRIAHDEQAIKN
LAKEIEDARAEALVGELGIIRSLIVANISMNLKESLYELANQITKRGGGIAQEAGPGCWYVDSENCDASCKEYIFNFNGS
ATVPTL
;
B
#
loop_
_chem_comp.id
_chem_comp.type
_chem_comp.name
_chem_comp.formula
5KQ L-saccharide, beta linking '(6R)-5-acetamido-6-[(1S,2S)-3-acetamido-1,2-dihydroxypropyl]-3,5-dideoxy-beta-L-threo-hex-2-ulopyranosonic acid' 'C13 H22 N2 O9'
BMA D-saccharide, beta linking beta-D-mannopyranose 'C6 H12 O6'
CAC non-polymer 'CACODYLATE ION' 'C2 H6 As O2 -1'
MAN D-saccharide, alpha linking alpha-D-mannopyranose 'C6 H12 O6'
NAG D-saccharide, beta linking 2-acetamido-2-deoxy-beta-D-glucopyranose 'C8 H15 N O6'
#
# COMPACT_ATOMS: atom_id res chain seq x y z
N GLU A 1 13.85 -15.17 67.38
CA GLU A 1 12.92 -15.68 66.39
C GLU A 1 13.31 -15.16 65.00
N LEU A 2 13.71 -16.08 64.12
CA LEU A 2 14.02 -15.74 62.74
C LEU A 2 12.73 -15.35 62.00
N ILE A 3 12.67 -14.12 61.48
CA ILE A 3 11.42 -13.61 60.88
C ILE A 3 11.57 -13.14 59.41
N CYS A 4 11.07 -13.96 58.49
CA CYS A 4 11.34 -13.82 57.05
C CYS A 4 10.20 -13.16 56.25
N ILE A 5 10.46 -12.91 54.97
CA ILE A 5 9.41 -12.72 53.98
C ILE A 5 9.59 -13.72 52.86
N VAL A 6 8.83 -14.81 52.95
CA VAL A 6 8.83 -15.92 51.98
C VAL A 6 7.98 -15.60 50.75
N GLN A 7 8.53 -15.88 49.57
CA GLN A 7 7.79 -15.72 48.32
C GLN A 7 7.28 -17.05 47.84
N ARG A 8 6.09 -17.06 47.26
CA ARG A 8 5.50 -18.34 46.89
C ARG A 8 4.39 -18.26 45.87
N VAL A 9 4.33 -19.29 45.05
CA VAL A 9 3.49 -19.30 43.87
C VAL A 9 2.60 -20.52 43.82
N ASN A 10 1.61 -20.46 42.93
CA ASN A 10 0.62 -21.51 42.85
C ASN A 10 0.75 -22.31 41.57
N GLU A 11 -0.25 -23.15 41.32
CA GLU A 11 -0.37 -23.89 40.07
C GLU A 11 -1.05 -23.00 39.03
N SER A 12 -1.29 -21.75 39.46
CA SER A 12 -1.86 -20.67 38.65
C SER A 12 -0.82 -19.57 38.41
N PHE A 13 0.38 -19.78 38.94
CA PHE A 13 1.48 -18.87 38.69
C PHE A 13 2.44 -19.45 37.66
N SER A 14 2.87 -18.60 36.72
CA SER A 14 3.76 -19.02 35.63
C SER A 14 5.06 -18.19 35.58
N LEU A 15 6.18 -18.86 35.31
CA LEU A 15 7.53 -18.26 35.30
C LEU A 15 7.81 -17.59 33.97
N HIS A 16 8.68 -16.58 33.98
CA HIS A 16 9.06 -15.90 32.73
C HIS A 16 10.54 -15.58 32.63
N SER A 17 11.27 -16.30 31.78
CA SER A 17 12.72 -16.16 31.77
C SER A 17 13.19 -14.82 31.21
N GLY A 18 14.11 -14.19 31.92
CA GLY A 18 14.80 -13.02 31.42
C GLY A 18 16.28 -13.35 31.31
N PHE A 19 16.99 -12.46 30.65
CA PHE A 19 18.42 -12.53 30.55
C PHE A 19 18.86 -11.67 31.70
N GLY A 20 18.94 -12.25 32.88
CA GLY A 20 19.22 -11.48 34.06
C GLY A 20 18.18 -11.86 35.07
N GLY A 21 18.00 -13.16 35.22
CA GLY A 21 17.03 -13.69 36.14
C GLY A 21 15.73 -13.91 35.43
N ASN A 22 14.75 -14.40 36.16
CA ASN A 22 13.43 -14.63 35.56
C ASN A 22 12.26 -13.97 36.36
N VAL A 23 11.02 -14.44 36.20
CA VAL A 23 9.82 -13.78 36.81
C VAL A 23 8.55 -14.67 36.99
N TYR A 24 7.74 -14.42 38.04
CA TYR A 24 6.46 -15.13 38.26
C TYR A 24 5.24 -14.23 38.14
N SER A 25 4.10 -14.81 37.71
CA SER A 25 2.85 -14.07 37.48
C SER A 25 1.72 -14.94 36.94
N MET A 26 0.48 -14.57 37.25
CA MET A 26 -0.67 -15.35 36.78
C MET A 26 -1.14 -14.93 35.40
N LYS A 27 -0.84 -13.72 34.98
CA LYS A 27 -1.33 -13.24 33.69
C LYS A 27 -0.27 -12.44 32.94
N THR A 28 -0.52 -12.24 31.64
CA THR A 28 0.37 -11.51 30.73
C THR A 28 -0.39 -10.58 29.75
N GLU A 29 0.24 -9.48 29.35
CA GLU A 29 -0.27 -8.65 28.25
C GLU A 29 0.67 -8.74 27.08
N PRO A 30 0.12 -8.90 25.88
CA PRO A 30 0.97 -8.99 24.70
C PRO A 30 1.75 -7.70 24.49
N MET A 31 2.92 -7.82 23.88
CA MET A 31 3.81 -6.68 23.73
C MET A 31 3.28 -5.81 22.61
N THR A 32 2.75 -6.46 21.59
CA THR A 32 2.26 -5.79 20.42
C THR A 32 1.09 -6.57 19.82
N GLY A 33 0.37 -5.97 18.89
CA GLY A 33 -0.72 -6.66 18.25
C GLY A 33 -0.66 -6.31 16.79
N PHE A 34 -1.76 -6.53 16.08
CA PHE A 34 -1.75 -6.21 14.67
C PHE A 34 -2.13 -4.75 14.47
N THR A 35 -2.03 -4.28 13.24
CA THR A 35 -2.36 -2.93 12.84
C THR A 35 -3.56 -3.07 11.91
N ASN A 36 -4.63 -2.31 12.18
CA ASN A 36 -5.83 -2.39 11.35
C ASN A 36 -5.43 -2.09 9.90
N VAL A 37 -6.21 -2.54 8.92
CA VAL A 37 -5.96 -2.19 7.52
C VAL A 37 -7.22 -1.59 6.95
N THR A 38 -7.08 -0.55 6.13
CA THR A 38 -8.26 0.09 5.54
C THR A 38 -8.28 -0.15 4.05
N LYS A 39 -9.41 -0.61 3.53
CA LYS A 39 -9.58 -0.78 2.09
C LYS A 39 -9.41 0.57 1.42
N GLY A 40 -9.04 0.56 0.14
CA GLY A 40 -9.04 1.77 -0.68
C GLY A 40 -7.72 2.45 -1.00
N ALA A 41 -7.79 3.74 -1.36
CA ALA A 41 -6.61 4.55 -1.68
C ALA A 41 -6.24 5.55 -0.59
N SER A 42 -4.98 5.92 -0.63
CA SER A 42 -4.38 6.80 0.34
C SER A 42 -2.99 7.06 -0.15
N VAL A 43 -2.26 7.91 0.55
CA VAL A 43 -0.90 8.23 0.18
C VAL A 43 -0.03 8.42 1.42
N ILE A 44 1.25 8.04 1.30
CA ILE A 44 2.17 8.07 2.43
C ILE A 44 2.84 9.43 2.61
N ASN A 45 2.84 10.21 1.53
CA ASN A 45 3.41 11.56 1.50
C ASN A 45 2.48 12.53 0.77
N GLN A 46 1.83 13.43 1.52
CA GLN A 46 0.80 14.30 0.97
C GLN A 46 1.29 15.36 -0.02
N LYS A 47 2.55 15.79 0.04
CA LYS A 47 2.95 16.86 -0.86
C LYS A 47 3.70 16.38 -2.09
N ASP A 48 3.96 15.10 -2.19
CA ASP A 48 4.41 14.59 -3.47
C ASP A 48 3.44 13.55 -4.04
N TRP A 49 2.26 14.00 -4.50
CA TRP A 49 1.40 13.06 -5.21
C TRP A 49 0.43 13.77 -6.12
N ILE A 50 0.02 13.08 -7.17
CA ILE A 50 -0.83 13.70 -8.17
C ILE A 50 -1.91 12.73 -8.63
N GLY A 51 -3.14 13.22 -8.66
CA GLY A 51 -4.21 12.49 -9.31
C GLY A 51 -4.53 13.09 -10.67
N PHE A 52 -4.91 12.24 -11.61
CA PHE A 52 -5.51 12.68 -12.85
C PHE A 52 -6.93 12.18 -12.84
N GLY A 53 -7.90 13.01 -13.21
CA GLY A 53 -9.29 12.62 -13.04
C GLY A 53 -10.36 13.12 -14.00
N ASP A 54 -11.61 13.08 -13.53
CA ASP A 54 -12.76 13.47 -14.35
C ASP A 54 -13.82 14.19 -13.52
N SER A 55 -14.99 14.36 -14.09
CA SER A 55 -16.06 15.00 -13.38
C SER A 55 -16.13 14.58 -11.93
N ARG A 56 -15.81 13.34 -11.63
CA ARG A 56 -15.95 12.85 -10.26
C ARG A 56 -14.92 13.39 -9.31
N THR A 57 -13.92 14.07 -9.87
CA THR A 57 -12.86 14.71 -9.08
C THR A 57 -12.76 16.20 -9.36
N ASP A 58 -13.58 16.67 -10.30
CA ASP A 58 -13.62 18.08 -10.71
C ASP A 58 -14.41 18.94 -9.71
N LEU A 59 -13.77 20.01 -9.24
CA LEU A 59 -14.42 20.98 -8.36
C LEU A 59 -15.03 22.15 -9.14
N THR A 60 -14.54 22.40 -10.37
CA THR A 60 -15.15 23.43 -11.20
C THR A 60 -16.60 23.02 -11.54
N ASN A 61 -16.82 21.70 -11.64
CA ASN A 61 -18.13 21.10 -11.93
C ASN A 61 -19.26 21.80 -11.18
N ASP A 62 -20.30 22.19 -11.92
CA ASP A 62 -21.33 23.09 -11.39
C ASP A 62 -22.09 22.44 -10.23
N GLN A 63 -21.77 21.20 -9.92
CA GLN A 63 -22.52 20.43 -8.91
C GLN A 63 -21.69 19.94 -7.71
N PHE A 64 -20.44 20.40 -7.57
CA PHE A 64 -19.56 19.97 -6.46
C PHE A 64 -20.13 20.45 -5.11
N PRO A 65 -19.96 19.67 -4.00
CA PRO A 65 -19.35 18.35 -3.77
C PRO A 65 -20.32 17.16 -3.87
N ALA A 66 -21.45 17.33 -4.56
CA ALA A 66 -22.40 16.24 -4.71
C ALA A 66 -21.96 15.36 -5.87
N SER A 67 -21.28 16.00 -6.83
CA SER A 67 -20.77 15.33 -8.01
C SER A 67 -19.39 14.71 -7.79
N SER A 68 -18.85 14.87 -6.59
CA SER A 68 -17.49 14.45 -6.28
C SER A 68 -17.41 13.33 -5.27
N ASP A 69 -16.35 12.53 -5.41
CA ASP A 69 -16.12 11.37 -4.55
C ASP A 69 -15.02 11.70 -3.57
N VAL A 70 -14.51 12.92 -3.68
CA VAL A 70 -13.48 13.37 -2.78
C VAL A 70 -13.88 14.68 -2.10
N PRO A 71 -13.29 14.96 -0.92
CA PRO A 71 -13.44 16.32 -0.42
C PRO A 71 -12.67 17.30 -1.31
N LEU A 72 -12.84 18.59 -1.06
CA LEU A 72 -12.16 19.62 -1.82
C LEU A 72 -10.65 19.63 -1.58
N ALA A 73 -10.26 19.62 -0.31
CA ALA A 73 -8.85 19.60 0.09
C ALA A 73 -8.09 18.61 -0.74
N VAL A 74 -8.79 17.52 -1.06
CA VAL A 74 -8.27 16.43 -1.87
C VAL A 74 -8.46 16.72 -3.35
N ALA A 75 -9.59 17.31 -3.70
CA ALA A 75 -9.90 17.56 -5.10
C ALA A 75 -8.90 18.53 -5.70
N LYS A 76 -8.30 19.36 -4.85
CA LYS A 76 -7.25 20.29 -5.28
C LYS A 76 -6.00 19.59 -5.77
N LYS A 77 -5.85 18.33 -5.40
CA LYS A 77 -4.65 17.56 -5.73
C LYS A 77 -4.77 16.77 -7.04
N PHE A 78 -5.93 16.88 -7.70
CA PHE A 78 -6.20 16.23 -8.98
C PHE A 78 -6.09 17.17 -10.19
N ARG A 79 -5.77 16.60 -11.34
CA ARG A 79 -5.82 17.31 -12.61
C ARG A 79 -6.94 16.71 -13.42
N SER A 80 -8.14 17.19 -13.13
CA SER A 80 -9.38 16.69 -13.69
C SER A 80 -10.15 17.77 -14.48
N LEU A 81 -11.05 17.31 -15.35
CA LEU A 81 -12.04 18.15 -16.03
C LEU A 81 -13.23 17.25 -16.26
N SER A 82 -14.45 17.79 -16.16
CA SER A 82 -15.65 16.95 -16.30
C SER A 82 -15.82 16.42 -17.72
N GLY A 83 -15.75 15.10 -17.85
CA GLY A 83 -15.85 14.46 -19.14
C GLY A 83 -14.54 14.09 -19.80
N ALA A 84 -13.44 14.34 -19.14
CA ALA A 84 -12.15 13.99 -19.71
C ALA A 84 -11.81 12.53 -19.47
N SER A 85 -10.81 12.04 -20.19
CA SER A 85 -10.17 10.76 -19.92
C SER A 85 -8.79 10.88 -20.53
N LEU A 86 -7.84 10.06 -20.11
CA LEU A 86 -6.53 10.11 -20.72
C LEU A 86 -6.65 9.65 -22.17
N MET A 87 -7.52 8.68 -22.39
CA MET A 87 -7.68 8.05 -23.70
C MET A 87 -8.19 9.05 -24.72
N LEU A 88 -9.27 9.74 -24.38
CA LEU A 88 -9.85 10.66 -25.33
C LEU A 88 -8.81 11.69 -25.75
N SER A 89 -8.05 12.18 -24.78
CA SER A 89 -7.02 13.19 -25.02
C SER A 89 -5.83 12.64 -25.80
N ALA A 90 -5.78 11.33 -25.93
CA ALA A 90 -4.82 10.66 -26.80
C ALA A 90 -5.36 10.62 -28.22
N PHE A 91 -6.68 10.66 -28.35
CA PHE A 91 -7.31 10.59 -29.65
C PHE A 91 -8.12 11.86 -30.02
N GLY A 92 -8.73 12.50 -29.02
CA GLY A 92 -9.60 13.64 -29.26
C GLY A 92 -10.65 13.32 -30.29
N PRO A 93 -11.50 12.31 -30.00
CA PRO A 93 -12.60 12.08 -30.94
C PRO A 93 -13.48 13.32 -31.05
N PRO A 94 -14.09 13.52 -32.22
CA PRO A 94 -14.96 14.65 -32.55
C PRO A 94 -16.03 14.91 -31.52
N GLY A 95 -15.96 16.11 -30.93
CA GLY A 95 -16.94 16.55 -29.96
C GLY A 95 -16.76 15.91 -28.61
N LYS A 96 -15.53 15.59 -28.27
CA LYS A 96 -15.29 15.07 -26.94
C LYS A 96 -14.51 16.13 -26.19
N VAL A 97 -14.26 15.90 -24.88
CA VAL A 97 -13.48 16.89 -24.11
C VAL A 97 -12.03 16.48 -24.08
N ASP A 98 -11.17 17.50 -24.28
CA ASP A 98 -9.79 17.33 -24.70
C ASP A 98 -8.81 17.93 -23.69
N TYR A 99 -8.83 17.47 -22.43
CA TYR A 99 -8.03 18.05 -21.35
C TYR A 99 -6.56 17.66 -21.36
N LEU A 100 -5.68 18.65 -21.39
CA LEU A 100 -4.24 18.35 -21.37
C LEU A 100 -3.76 18.01 -19.98
N TYR A 101 -3.91 16.75 -19.60
CA TYR A 101 -3.37 16.28 -18.33
C TYR A 101 -1.90 16.56 -18.19
N GLN A 102 -1.54 17.13 -17.06
CA GLN A 102 -0.16 17.19 -16.70
C GLN A 102 -0.01 17.48 -15.23
N GLY A 103 0.64 16.55 -14.56
CA GLY A 103 0.99 16.71 -13.16
C GLY A 103 2.34 16.09 -12.94
N CYS A 104 2.88 16.27 -11.74
CA CYS A 104 4.07 15.54 -11.31
C CYS A 104 3.93 15.13 -9.87
N GLY A 105 4.02 13.84 -9.63
CA GLY A 105 3.91 13.25 -8.30
C GLY A 105 4.40 11.81 -8.27
N LYS A 106 5.03 11.42 -7.18
CA LYS A 106 5.62 10.08 -7.09
C LYS A 106 4.54 9.03 -6.94
N GLU A 107 3.80 9.12 -5.83
CA GLU A 107 2.53 8.43 -5.72
C GLU A 107 1.59 9.05 -6.74
N LYS A 108 0.93 8.21 -7.51
CA LYS A 108 0.03 8.70 -8.55
C LYS A 108 -1.32 8.00 -8.45
N VAL A 109 -2.41 8.76 -8.29
CA VAL A 109 -3.74 8.19 -8.43
C VAL A 109 -4.37 8.46 -9.80
N PHE A 110 -4.83 7.40 -10.46
CA PHE A 110 -5.55 7.50 -11.73
C PHE A 110 -7.00 7.15 -11.48
N TYR A 111 -7.90 8.12 -11.63
CA TYR A 111 -9.33 7.89 -11.39
C TYR A 111 -10.15 8.47 -12.51
N GLU A 112 -10.00 7.92 -13.72
CA GLU A 112 -10.78 8.36 -14.87
C GLU A 112 -10.96 7.26 -15.90
N GLY A 113 -11.47 7.63 -17.07
CA GLY A 113 -11.53 6.68 -18.17
C GLY A 113 -12.93 6.30 -18.59
N VAL A 114 -13.88 6.42 -17.66
CA VAL A 114 -15.28 6.07 -17.95
C VAL A 114 -15.86 6.90 -19.10
N ASN A 115 -15.31 8.09 -19.30
CA ASN A 115 -15.80 8.99 -20.33
C ASN A 115 -15.42 8.47 -21.75
N TRP A 116 -14.77 7.31 -21.84
CA TRP A 116 -14.75 6.53 -23.08
C TRP A 116 -14.99 5.07 -22.72
N SER A 117 -16.25 4.71 -22.74
CA SER A 117 -16.65 3.33 -22.56
C SER A 117 -17.41 2.95 -23.85
N PRO A 118 -18.06 1.79 -23.87
CA PRO A 118 -18.80 1.59 -25.12
C PRO A 118 -19.91 2.64 -25.32
N GLU A 119 -20.48 3.07 -24.18
CA GLU A 119 -21.52 4.08 -24.11
C GLU A 119 -21.20 5.34 -24.91
N ALA A 120 -19.94 5.71 -24.92
CA ALA A 120 -19.46 6.81 -25.75
C ALA A 120 -19.80 6.57 -27.20
N GLY A 121 -20.00 5.30 -27.56
CA GLY A 121 -20.50 4.93 -28.86
C GLY A 121 -19.63 5.62 -29.89
N ILE A 122 -18.34 5.66 -29.60
CA ILE A 122 -17.42 6.20 -30.57
C ILE A 122 -17.18 5.13 -31.62
N ASP A 123 -17.34 5.52 -32.88
CA ASP A 123 -17.16 4.56 -33.94
C ASP A 123 -15.82 4.74 -34.56
N CYS A 124 -15.81 5.50 -35.65
CA CYS A 124 -14.58 5.89 -36.34
C CYS A 124 -13.76 4.68 -36.78
N PHE A 125 -14.45 3.58 -37.07
CA PHE A 125 -13.85 2.32 -37.51
C PHE A 125 -13.11 1.58 -36.41
N GLY A 126 -13.46 1.89 -35.17
CA GLY A 126 -12.85 1.24 -34.03
C GLY A 126 -13.03 -0.26 -34.02
N SER A 127 -11.93 -0.98 -34.22
CA SER A 127 -11.90 -2.44 -34.17
C SER A 127 -12.50 -2.99 -32.88
N ASN A 128 -12.05 -2.48 -31.76
CA ASN A 128 -12.56 -2.96 -30.49
C ASN A 128 -12.01 -2.06 -29.41
N TRP A 129 -12.43 -0.79 -29.44
CA TRP A 129 -11.94 0.24 -28.53
C TRP A 129 -11.63 -0.26 -27.14
N THR A 130 -12.48 -1.15 -26.63
CA THR A 130 -12.24 -1.77 -25.33
C THR A 130 -10.89 -2.49 -25.36
N GLN A 131 -10.51 -3.08 -26.50
CA GLN A 131 -9.15 -3.61 -26.66
C GLN A 131 -8.11 -2.48 -26.65
N THR A 132 -8.24 -1.61 -27.65
CA THR A 132 -7.46 -0.38 -27.74
C THR A 132 -7.31 0.25 -26.38
N LYS A 133 -8.43 0.43 -25.69
CA LYS A 133 -8.47 0.93 -24.30
C LYS A 133 -7.51 0.22 -23.33
N LYS A 134 -7.64 -1.10 -23.23
CA LYS A 134 -6.81 -1.91 -22.32
C LYS A 134 -5.29 -1.78 -22.66
N ASP A 135 -4.92 -2.02 -23.92
CA ASP A 135 -3.52 -1.92 -24.38
C ASP A 135 -2.96 -0.50 -24.21
N PHE A 136 -3.81 0.49 -24.43
CA PHE A 136 -3.47 1.87 -24.13
C PHE A 136 -3.07 2.01 -22.68
N TYR A 137 -4.04 1.79 -21.79
CA TYR A 137 -3.86 2.14 -20.40
C TYR A 137 -2.77 1.33 -19.74
N SER A 138 -2.42 0.22 -20.36
CA SER A 138 -1.40 -0.64 -19.80
C SER A 138 -0.07 0.05 -19.99
N ARG A 139 0.25 0.39 -21.23
CA ARG A 139 1.51 1.08 -21.51
C ARG A 139 1.59 2.33 -20.64
N ILE A 140 0.45 2.97 -20.38
CA ILE A 140 0.42 4.12 -19.48
C ILE A 140 0.86 3.73 -18.08
N TYR A 141 0.25 2.68 -17.55
CA TYR A 141 0.54 2.26 -16.19
C TYR A 141 1.92 1.65 -16.15
N GLU A 142 2.33 1.08 -17.27
CA GLU A 142 3.63 0.45 -17.41
C GLU A 142 4.71 1.51 -17.27
N ALA A 143 4.41 2.70 -17.78
CA ALA A 143 5.38 3.81 -17.83
C ALA A 143 5.29 4.77 -16.63
N ALA A 144 4.16 4.75 -15.92
CA ALA A 144 3.94 5.65 -14.80
C ALA A 144 4.43 5.08 -13.47
N ARG A 145 4.89 3.82 -13.43
CA ARG A 145 5.43 3.28 -12.18
C ARG A 145 6.88 3.77 -12.09
N SER A 146 7.47 4.01 -13.24
CA SER A 146 8.87 4.35 -13.33
C SER A 146 9.11 5.85 -13.59
N SER A 147 8.06 6.66 -13.62
CA SER A 147 8.15 8.08 -13.98
C SER A 147 7.76 8.95 -12.80
N THR A 148 8.25 10.18 -12.72
CA THR A 148 7.73 11.10 -11.71
C THR A 148 6.50 11.84 -12.25
N CYS A 149 6.64 12.42 -13.42
CA CYS A 149 5.62 13.31 -13.95
C CYS A 149 4.90 12.68 -15.10
N MET A 150 3.85 13.34 -15.59
CA MET A 150 3.26 12.98 -16.86
C MET A 150 2.56 14.14 -17.53
N THR A 151 2.76 14.30 -18.83
CA THR A 151 1.96 15.27 -19.54
C THR A 151 1.53 14.72 -20.87
N LEU A 152 0.30 15.09 -21.25
CA LEU A 152 -0.19 14.92 -22.61
C LEU A 152 0.69 15.74 -23.51
N VAL A 153 1.15 15.12 -24.57
CA VAL A 153 1.78 15.86 -25.64
C VAL A 153 0.75 16.00 -26.75
N ASN A 154 0.08 17.15 -26.76
CA ASN A 154 -1.06 17.37 -27.65
C ASN A 154 -0.75 17.77 -29.10
N SER A 155 0.52 17.73 -29.50
CA SER A 155 0.89 17.91 -30.92
C SER A 155 2.34 17.51 -31.26
N LEU A 156 2.47 16.47 -32.09
CA LEU A 156 3.76 15.89 -32.45
C LEU A 156 4.29 16.46 -33.79
N ASP A 157 5.60 16.66 -33.92
CA ASP A 157 6.18 17.16 -35.18
C ASP A 157 6.06 16.08 -36.27
N THR A 158 5.44 16.40 -37.41
CA THR A 158 5.15 15.43 -38.52
C THR A 158 5.29 15.99 -39.95
N LYS A 159 5.55 15.13 -40.94
CA LYS A 159 5.61 15.54 -42.36
C LYS A 159 5.29 14.40 -43.33
N ILE A 160 4.61 14.73 -44.44
CA ILE A 160 4.30 13.77 -45.48
C ILE A 160 5.08 14.12 -46.73
N SER A 161 5.49 13.12 -47.50
CA SER A 161 6.12 13.42 -48.78
C SER A 161 5.05 13.76 -49.80
N SER A 162 3.99 12.95 -49.88
CA SER A 162 2.97 13.16 -50.91
C SER A 162 2.24 14.46 -50.70
N THR A 163 2.09 15.21 -51.79
CA THR A 163 1.65 16.59 -51.75
C THR A 163 0.26 16.75 -52.33
N THR A 164 -0.26 15.68 -52.88
CA THR A 164 -1.55 15.70 -53.55
C THR A 164 -2.58 15.28 -52.54
N ALA A 165 -2.06 14.55 -51.55
CA ALA A 165 -2.86 13.92 -50.52
C ALA A 165 -3.75 14.91 -49.78
N THR A 166 -4.78 14.35 -49.14
CA THR A 166 -5.75 15.13 -48.39
C THR A 166 -6.15 14.35 -47.12
N ALA A 167 -6.89 15.00 -46.22
CA ALA A 167 -7.16 14.44 -44.89
C ALA A 167 -8.56 13.85 -44.72
N GLY A 168 -8.65 12.78 -43.94
CA GLY A 168 -9.85 11.95 -43.86
C GLY A 168 -11.13 12.45 -43.24
N THR A 169 -12.21 11.66 -43.39
CA THR A 169 -13.49 11.95 -42.78
C THR A 169 -14.37 10.69 -42.80
N ALA A 170 -15.21 10.50 -41.79
CA ALA A 170 -16.06 9.35 -41.82
C ALA A 170 -17.42 9.69 -41.32
N SER A 171 -18.44 9.19 -42.00
CA SER A 171 -19.80 9.22 -41.49
C SER A 171 -19.76 8.67 -40.07
N SER A 172 -18.87 7.70 -39.90
CA SER A 172 -18.73 6.90 -38.69
C SER A 172 -18.01 7.67 -37.59
N CYS A 173 -17.23 8.67 -37.99
CA CYS A 173 -16.48 9.49 -37.04
C CYS A 173 -17.00 10.93 -37.04
N SER A 174 -18.30 11.09 -36.79
CA SER A 174 -18.97 12.39 -36.77
C SER A 174 -18.65 13.32 -37.97
N SER A 175 -18.25 12.71 -39.09
CA SER A 175 -17.94 13.37 -40.39
C SER A 175 -16.64 14.18 -40.40
N SER A 176 -15.77 13.87 -39.43
CA SER A 176 -14.39 14.34 -39.41
C SER A 176 -13.49 13.16 -39.03
N TRP A 177 -12.61 13.33 -38.04
CA TRP A 177 -11.71 12.24 -37.65
C TRP A 177 -11.10 12.42 -36.23
N MET A 178 -10.20 11.52 -35.85
CA MET A 178 -9.40 11.62 -34.62
C MET A 178 -8.46 12.85 -34.60
N LYS A 179 -8.09 13.33 -33.40
CA LYS A 179 -6.98 14.30 -33.30
C LYS A 179 -5.71 13.49 -33.57
N SER A 180 -5.65 12.29 -32.99
CA SER A 180 -4.61 11.32 -33.30
C SER A 180 -5.23 9.93 -33.32
N PRO A 181 -4.85 9.07 -34.29
CA PRO A 181 -3.87 9.39 -35.33
C PRO A 181 -4.43 10.29 -36.41
N LEU A 182 -3.53 10.81 -37.24
CA LEU A 182 -3.87 11.65 -38.39
C LEU A 182 -4.03 10.77 -39.62
N TRP A 183 -5.01 11.11 -40.44
CA TRP A 183 -5.36 10.27 -41.57
C TRP A 183 -5.29 11.00 -42.92
N TYR A 184 -4.49 10.46 -43.84
CA TYR A 184 -4.21 11.12 -45.12
C TYR A 184 -4.64 10.23 -46.30
N ALA A 185 -5.27 10.80 -47.32
CA ALA A 185 -5.82 9.98 -48.41
C ALA A 185 -5.42 10.44 -49.81
N GLU A 186 -5.52 9.52 -50.76
CA GLU A 186 -5.25 9.85 -52.15
C GLU A 186 -6.51 9.67 -52.96
N SER A 187 -6.94 10.79 -53.55
CA SER A 187 -8.17 10.84 -54.32
C SER A 187 -8.06 10.00 -55.59
N SER A 188 -6.87 9.98 -56.17
CA SER A 188 -6.70 9.45 -57.51
C SER A 188 -6.58 7.92 -57.55
N VAL A 189 -6.20 7.31 -56.42
CA VAL A 189 -5.94 5.88 -56.41
C VAL A 189 -7.23 5.08 -56.64
N ASN A 190 -7.25 4.33 -57.74
CA ASN A 190 -8.45 3.80 -58.39
C ASN A 190 -8.26 2.33 -58.81
N PRO A 191 -8.59 1.34 -57.94
CA PRO A 191 -8.19 -0.05 -58.22
C PRO A 191 -8.79 -0.78 -59.45
N PRO A 195 -10.85 1.51 -62.03
CA PRO A 195 -9.85 0.46 -61.78
C PRO A 195 -8.75 0.48 -62.84
N GLN A 196 -7.75 1.33 -62.64
CA GLN A 196 -6.64 1.44 -63.59
C GLN A 196 -5.52 2.31 -63.02
N VAL A 197 -5.74 2.85 -61.83
CA VAL A 197 -4.74 3.72 -61.17
C VAL A 197 -4.41 3.20 -59.76
N CYS A 198 -3.14 3.27 -59.35
CA CYS A 198 -2.78 2.80 -58.00
C CYS A 198 -1.78 3.70 -57.26
N GLY A 199 -1.43 4.82 -57.89
CA GLY A 199 -0.68 5.89 -57.25
C GLY A 199 0.67 5.54 -56.64
N THR A 200 1.27 6.51 -55.99
CA THR A 200 2.61 6.38 -55.43
C THR A 200 2.54 6.18 -53.92
N GLU A 201 3.53 5.44 -53.39
CA GLU A 201 3.67 5.25 -51.94
C GLU A 201 3.91 6.58 -51.24
N GLN A 202 3.17 6.79 -50.17
CA GLN A 202 3.37 7.95 -49.33
C GLN A 202 4.36 7.68 -48.22
N SER A 203 5.22 8.65 -47.97
CA SER A 203 6.07 8.62 -46.79
C SER A 203 5.62 9.67 -45.79
N ALA A 204 5.95 9.39 -44.54
CA ALA A 204 5.78 10.33 -43.45
C ALA A 204 6.85 10.09 -42.40
N THR A 205 7.08 11.10 -41.57
CA THR A 205 7.99 10.97 -40.43
C THR A 205 7.39 11.69 -39.21
N PHE A 206 7.91 11.40 -38.02
CA PHE A 206 7.43 12.09 -36.80
C PHE A 206 8.41 12.02 -35.62
N THR A 207 8.30 12.97 -34.70
CA THR A 207 9.36 13.13 -33.71
C THR A 207 8.87 13.10 -32.30
N LEU A 208 9.28 12.11 -31.53
CA LEU A 208 8.94 12.09 -30.12
C LEU A 208 9.94 12.98 -29.41
N PRO A 209 9.46 14.09 -28.85
CA PRO A 209 10.38 15.12 -28.39
C PRO A 209 11.05 14.72 -27.09
N THR A 210 12.14 15.40 -26.75
CA THR A 210 12.90 15.01 -25.58
C THR A 210 12.36 15.71 -24.35
N SER A 211 11.40 16.59 -24.57
CA SER A 211 10.79 17.32 -23.46
C SER A 211 9.44 17.88 -23.85
N PHE A 212 8.64 18.24 -22.86
CA PHE A 212 7.45 19.00 -23.17
C PHE A 212 7.29 20.13 -22.16
N GLY A 213 7.56 21.35 -22.60
CA GLY A 213 7.55 22.46 -21.68
C GLY A 213 8.45 22.02 -20.55
N ILE A 214 7.96 22.17 -19.32
CA ILE A 214 8.78 21.86 -18.16
C ILE A 214 8.93 20.36 -17.97
N TYR A 215 8.24 19.61 -18.81
CA TYR A 215 8.20 18.18 -18.61
C TYR A 215 9.20 17.50 -19.55
N LYS A 216 9.96 16.57 -18.97
CA LYS A 216 11.04 15.88 -19.68
C LYS A 216 10.63 14.51 -20.15
N CYS A 217 11.01 14.20 -21.39
CA CYS A 217 10.63 12.97 -22.03
C CYS A 217 11.78 11.99 -22.25
N ASN A 218 11.79 11.00 -21.38
CA ASN A 218 12.60 9.81 -21.57
C ASN A 218 11.87 8.77 -22.38
N LYS A 219 10.58 8.63 -22.08
CA LYS A 219 9.75 7.62 -22.74
C LYS A 219 8.40 8.22 -23.16
N HIS A 220 7.86 7.74 -24.27
CA HIS A 220 6.61 8.21 -24.84
C HIS A 220 5.63 7.08 -25.16
N VAL A 221 4.37 7.23 -24.76
CA VAL A 221 3.31 6.27 -25.10
C VAL A 221 2.48 6.68 -26.32
N VAL A 222 2.64 5.97 -27.43
CA VAL A 222 1.95 6.32 -28.66
C VAL A 222 1.04 5.20 -29.16
N GLN A 223 0.31 5.47 -30.24
CA GLN A 223 -0.36 4.41 -30.99
C GLN A 223 0.16 4.37 -32.42
N LEU A 224 0.78 3.24 -32.71
CA LEU A 224 1.14 2.84 -34.06
C LEU A 224 -0.08 2.18 -34.72
N CYS A 225 -0.90 3.00 -35.39
CA CYS A 225 -2.20 2.56 -35.89
C CYS A 225 -2.14 2.10 -37.35
N TYR A 226 -2.86 1.01 -37.63
CA TYR A 226 -2.91 0.38 -38.95
C TYR A 226 -4.34 -0.03 -39.27
N PHE A 227 -4.60 -0.40 -40.51
CA PHE A 227 -5.94 -0.87 -40.88
C PHE A 227 -6.04 -2.38 -40.94
N VAL A 228 -7.24 -2.86 -40.63
CA VAL A 228 -7.56 -4.28 -40.68
C VAL A 228 -8.60 -4.48 -41.77
N TYR A 229 -8.42 -5.55 -42.55
CA TYR A 229 -9.34 -5.93 -43.61
C TYR A 229 -9.65 -7.40 -43.52
N GLU A 230 -10.83 -7.80 -43.98
CA GLU A 230 -11.14 -9.20 -43.96
C GLU A 230 -10.15 -10.00 -44.82
N ASN A 231 -9.89 -9.51 -46.03
CA ASN A 231 -8.88 -10.14 -46.88
C ASN A 231 -8.35 -9.25 -47.98
N LYS A 232 -7.45 -9.81 -48.77
CA LYS A 232 -6.84 -9.17 -49.94
C LYS A 232 -7.89 -8.67 -50.92
N ALA A 233 -8.86 -9.53 -51.23
CA ALA A 233 -9.95 -9.20 -52.15
C ALA A 233 -10.73 -8.01 -51.62
N LYS A 234 -11.08 -8.05 -50.34
CA LYS A 234 -11.73 -6.93 -49.66
C LYS A 234 -10.94 -5.63 -49.90
N PHE A 235 -9.66 -5.68 -49.53
CA PHE A 235 -8.76 -4.52 -49.63
C PHE A 235 -8.56 -4.02 -51.06
N ASN A 236 -8.33 -4.96 -51.98
CA ASN A 236 -8.04 -4.64 -53.38
C ASN A 236 -9.14 -3.80 -54.03
N THR A 237 -10.33 -3.82 -53.43
CA THR A 237 -11.46 -2.99 -53.86
C THR A 237 -11.20 -1.52 -53.53
N PHE A 238 -10.02 -1.30 -52.97
CA PHE A 238 -9.50 0.02 -52.66
C PHE A 238 -8.06 0.12 -53.16
N GLY A 239 -7.23 -0.68 -52.52
CA GLY A 239 -5.82 -0.67 -52.81
C GLY A 239 -5.46 -1.75 -53.79
N CYS A 240 -4.19 -2.14 -53.75
CA CYS A 240 -3.64 -3.02 -54.76
C CYS A 240 -2.56 -3.89 -54.14
N GLY A 241 -2.66 -5.19 -54.39
CA GLY A 241 -1.78 -6.16 -53.76
C GLY A 241 -2.14 -6.33 -52.29
N ASP A 242 -1.13 -6.27 -51.43
CA ASP A 242 -1.42 -6.22 -50.02
C ASP A 242 -1.59 -4.79 -49.55
N TYR A 243 -2.28 -4.67 -48.43
CA TYR A 243 -2.26 -3.47 -47.64
C TYR A 243 -0.99 -3.52 -46.83
N TYR A 244 -0.43 -2.36 -46.53
CA TYR A 244 0.63 -2.29 -45.55
C TYR A 244 0.81 -0.89 -45.00
N GLN A 245 1.40 -0.86 -43.83
CA GLN A 245 1.60 0.34 -43.04
C GLN A 245 2.64 0.02 -41.97
N ASN A 246 3.79 0.71 -42.01
CA ASN A 246 4.96 0.27 -41.25
C ASN A 246 5.77 1.35 -40.52
N TYR A 247 6.22 1.02 -39.32
CA TYR A 247 6.98 1.96 -38.50
C TYR A 247 8.39 1.49 -38.16
N TYR A 248 9.39 2.18 -38.69
CA TYR A 248 10.79 1.94 -38.37
C TYR A 248 11.38 3.11 -37.62
N ASP A 249 12.47 2.87 -36.91
CA ASP A 249 13.19 3.98 -36.26
C ASP A 249 14.22 4.66 -37.17
N GLY A 250 15.17 5.35 -36.53
CA GLY A 250 16.15 6.14 -37.26
C GLY A 250 17.15 5.22 -37.94
N ASN A 251 17.38 4.07 -37.31
CA ASN A 251 18.28 3.06 -37.84
C ASN A 251 17.56 2.21 -38.88
N GLY A 252 16.25 2.09 -38.76
CA GLY A 252 15.48 1.34 -39.74
C GLY A 252 14.98 -0.01 -39.24
N ASN A 253 15.17 -0.27 -37.95
CA ASN A 253 14.58 -1.46 -37.32
C ASN A 253 13.04 -1.28 -37.17
N LEU A 254 12.26 -2.33 -37.42
CA LEU A 254 10.80 -2.20 -37.40
C LEU A 254 10.15 -2.47 -36.03
N ILE A 255 9.30 -1.53 -35.60
CA ILE A 255 8.75 -1.54 -34.25
C ILE A 255 7.33 -2.02 -34.20
N GLY A 256 6.51 -1.50 -35.11
CA GLY A 256 5.12 -1.86 -35.18
C GLY A 256 4.54 -1.71 -36.57
N GLY A 257 3.23 -1.88 -36.67
CA GLY A 257 2.54 -1.77 -37.96
C GLY A 257 1.85 -3.05 -38.41
N MET A 258 1.53 -3.11 -39.69
CA MET A 258 0.75 -4.22 -40.22
C MET A 258 1.05 -4.34 -41.70
N ASP A 259 2.02 -5.19 -41.99
CA ASP A 259 2.46 -5.46 -43.35
C ASP A 259 1.93 -6.81 -43.77
N ASN A 260 1.05 -6.82 -44.77
CA ASN A 260 0.35 -8.04 -45.18
C ASN A 260 1.22 -8.96 -46.00
N ARG A 261 2.12 -8.37 -46.76
CA ARG A 261 3.04 -9.12 -47.59
C ARG A 261 3.92 -10.14 -46.82
N VAL A 262 3.90 -10.14 -45.47
CA VAL A 262 4.60 -11.22 -44.72
C VAL A 262 3.71 -11.98 -43.72
N ALA A 263 2.54 -11.42 -43.38
CA ALA A 263 1.64 -12.11 -42.46
C ALA A 263 0.23 -12.09 -43.04
N ALA A 264 -0.57 -13.05 -42.61
CA ALA A 264 -1.94 -13.20 -43.11
C ALA A 264 -2.83 -12.00 -42.75
N TYR A 265 -3.98 -11.87 -43.44
CA TYR A 265 -5.08 -10.95 -43.07
C TYR A 265 -5.86 -11.45 -41.83
N ARG A 266 -6.55 -10.58 -41.08
CA ARG A 266 -7.35 -11.06 -39.93
C ARG A 266 -8.65 -10.30 -39.63
N GLY A 267 -9.15 -9.57 -40.62
CA GLY A 267 -10.38 -8.82 -40.48
C GLY A 267 -11.62 -9.69 -40.43
N ILE A 268 -12.37 -9.53 -39.35
CA ILE A 268 -13.62 -10.24 -39.14
C ILE A 268 -14.48 -10.19 -40.40
N ALA A 269 -15.20 -11.27 -40.62
CA ALA A 269 -16.08 -11.44 -41.77
C ALA A 269 -17.05 -10.26 -41.96
N ASN A 270 -17.00 -9.69 -43.16
CA ASN A 270 -17.93 -8.65 -43.58
C ASN A 270 -17.99 -7.48 -42.65
N ALA A 271 -16.97 -7.34 -41.82
CA ALA A 271 -16.92 -6.25 -40.90
C ALA A 271 -16.50 -5.02 -41.68
N GLY A 272 -15.91 -5.27 -42.85
CA GLY A 272 -15.37 -4.19 -43.65
C GLY A 272 -14.13 -3.66 -42.96
N VAL A 273 -13.75 -2.43 -43.27
CA VAL A 273 -12.50 -1.89 -42.72
C VAL A 273 -12.65 -1.48 -41.25
N LYS A 274 -11.59 -1.75 -40.50
CA LYS A 274 -11.48 -1.39 -39.10
C LYS A 274 -10.13 -0.75 -38.82
N ILE A 275 -9.91 -0.37 -37.56
CA ILE A 275 -8.59 0.13 -37.19
C ILE A 275 -8.15 -0.48 -35.88
N GLU A 276 -6.91 -0.95 -35.83
CA GLU A 276 -6.36 -1.39 -34.55
C GLU A 276 -5.37 -0.33 -34.08
N CYS A 277 -5.44 0.01 -32.78
CA CYS A 277 -4.62 1.06 -32.22
C CYS A 277 -3.83 0.61 -30.98
N PRO A 278 -2.88 -0.32 -31.20
CA PRO A 278 -2.06 -0.84 -30.10
C PRO A 278 -1.03 0.20 -29.68
N SER A 279 -0.68 0.21 -28.40
CA SER A 279 0.17 1.26 -27.91
C SER A 279 1.56 0.73 -27.61
N LYS A 280 2.58 1.25 -28.30
CA LYS A 280 3.97 0.90 -27.97
C LYS A 280 4.57 2.06 -27.19
N ILE A 281 5.53 1.73 -26.34
CA ILE A 281 6.36 2.73 -25.70
C ILE A 281 7.63 2.95 -26.51
N LEU A 282 7.87 4.20 -26.90
CA LEU A 282 9.04 4.51 -27.68
C LEU A 282 9.86 5.62 -27.01
N ASN A 283 11.18 5.56 -27.19
CA ASN A 283 12.07 6.62 -26.74
C ASN A 283 11.77 7.89 -27.51
N PRO A 284 12.34 9.03 -27.08
CA PRO A 284 12.15 10.20 -27.93
C PRO A 284 12.94 10.01 -29.22
N GLY A 285 12.56 10.62 -30.35
CA GLY A 285 13.33 10.51 -31.58
C GLY A 285 12.48 10.47 -32.85
N THR A 286 13.13 10.51 -34.03
CA THR A 286 12.40 10.59 -35.31
C THR A 286 12.14 9.22 -35.92
N TYR A 287 10.87 8.93 -36.15
CA TYR A 287 10.47 7.63 -36.63
C TYR A 287 9.83 7.75 -38.02
N SER A 288 10.06 6.72 -38.85
CA SER A 288 9.68 6.75 -40.27
C SER A 288 8.47 5.89 -40.58
N ILE A 289 7.77 6.27 -41.64
CA ILE A 289 6.52 5.62 -42.02
C ILE A 289 6.37 5.38 -43.54
N LYS A 290 6.06 4.13 -43.89
CA LYS A 290 5.79 3.77 -45.27
C LYS A 290 4.39 3.14 -45.32
N SER A 291 3.54 3.62 -46.23
CA SER A 291 2.18 3.09 -46.38
C SER A 291 1.83 2.75 -47.82
N THR A 292 0.82 1.88 -48.00
CA THR A 292 0.24 1.62 -49.32
C THR A 292 -0.40 2.92 -49.86
N PRO A 293 -0.04 3.31 -51.10
CA PRO A 293 -0.23 4.61 -51.74
C PRO A 293 -1.48 5.49 -51.41
N ARG A 294 -2.70 4.94 -51.51
CA ARG A 294 -3.92 5.74 -51.36
C ARG A 294 -4.11 6.34 -49.97
N PHE A 295 -3.82 5.57 -48.92
CA PHE A 295 -3.97 6.01 -47.53
C PHE A 295 -2.64 6.12 -46.78
N LEU A 296 -2.68 6.91 -45.71
CA LEU A 296 -1.55 7.09 -44.81
C LEU A 296 -2.12 7.34 -43.41
N LEU A 297 -1.47 6.80 -42.38
CA LEU A 297 -1.82 7.14 -40.99
C LEU A 297 -0.59 7.67 -40.23
N VAL A 298 -0.82 8.58 -39.30
CA VAL A 298 0.28 9.26 -38.58
C VAL A 298 -0.06 9.53 -37.10
N PRO A 299 0.82 9.11 -36.15
CA PRO A 299 0.57 9.44 -34.75
C PRO A 299 0.73 10.96 -34.49
N LYS A 300 -0.19 11.59 -33.73
CA LYS A 300 -0.11 13.05 -33.51
C LYS A 300 0.00 13.48 -32.03
N ARG A 301 -0.42 12.63 -31.10
CA ARG A 301 -0.24 12.93 -29.68
C ARG A 301 0.56 11.84 -28.96
N SER A 302 0.61 11.88 -27.64
CA SER A 302 1.46 10.95 -26.88
C SER A 302 1.32 11.25 -25.40
N TYR A 303 1.85 10.37 -24.56
CA TYR A 303 1.95 10.72 -23.18
C TYR A 303 3.42 10.71 -22.82
N CYS A 304 3.88 11.81 -22.23
CA CYS A 304 5.31 12.03 -21.95
C CYS A 304 5.67 11.67 -20.51
N PHE A 305 6.64 10.77 -20.32
CA PHE A 305 7.08 10.36 -18.97
C PHE A 305 8.56 10.47 -18.77
N ASP A 306 8.97 10.66 -17.51
CA ASP A 306 10.38 10.63 -17.17
C ASP A 306 10.75 9.25 -16.65
N THR A 307 12.03 9.02 -16.40
CA THR A 307 12.51 7.73 -15.94
C THR A 307 13.09 7.95 -14.56
N ASP A 308 12.73 9.11 -14.02
CA ASP A 308 13.30 9.62 -12.79
C ASP A 308 12.80 8.91 -11.57
N GLY A 309 11.85 8.00 -11.77
CA GLY A 309 11.33 7.19 -10.69
C GLY A 309 9.91 7.47 -10.21
N GLY A 310 9.26 6.42 -9.74
CA GLY A 310 7.91 6.53 -9.25
C GLY A 310 7.59 5.46 -8.24
N TYR A 311 6.58 5.73 -7.44
CA TYR A 311 6.04 4.69 -6.62
C TYR A 311 5.08 3.93 -7.49
N PRO A 312 4.80 2.67 -7.10
CA PRO A 312 3.64 1.94 -7.60
C PRO A 312 2.45 2.85 -7.70
N ILE A 313 1.62 2.63 -8.70
CA ILE A 313 0.51 3.56 -8.88
C ILE A 313 -0.79 3.00 -8.30
N GLN A 314 -1.81 3.83 -8.22
CA GLN A 314 -3.13 3.43 -7.72
C GLN A 314 -4.18 3.70 -8.77
N VAL A 315 -4.59 2.65 -9.48
CA VAL A 315 -5.64 2.81 -10.49
C VAL A 315 -7.02 2.56 -9.87
N VAL A 316 -7.97 3.47 -10.07
CA VAL A 316 -9.27 3.36 -9.41
C VAL A 316 -10.41 3.10 -10.37
N GLN A 317 -11.22 2.09 -10.04
CA GLN A 317 -12.38 1.67 -10.82
C GLN A 317 -13.28 2.81 -11.27
N SER A 318 -13.29 3.02 -12.58
CA SER A 318 -14.01 4.11 -13.20
C SER A 318 -15.03 3.59 -14.20
N GLU A 319 -16.13 3.04 -13.69
CA GLU A 319 -17.25 2.67 -14.54
C GLU A 319 -18.43 3.61 -14.26
N TRP A 320 -19.50 3.41 -15.03
CA TRP A 320 -20.75 4.14 -14.82
C TRP A 320 -21.61 3.44 -13.79
N SER A 321 -22.85 3.89 -13.70
CA SER A 321 -23.84 3.20 -12.90
C SER A 321 -24.42 2.10 -13.75
N ALA A 322 -25.22 1.25 -13.12
CA ALA A 322 -25.79 0.07 -13.78
C ALA A 322 -26.42 0.42 -15.13
N SER A 323 -27.18 1.51 -15.13
CA SER A 323 -27.99 1.90 -16.28
C SER A 323 -27.19 2.07 -17.59
N ARG A 324 -25.94 2.50 -17.47
CA ARG A 324 -25.12 2.83 -18.63
C ARG A 324 -24.08 1.71 -18.89
N ARG A 325 -23.63 1.61 -20.14
CA ARG A 325 -22.71 0.56 -20.60
C ARG A 325 -21.21 0.90 -20.36
N SER A 326 -20.62 0.31 -19.33
CA SER A 326 -19.23 0.53 -18.97
C SER A 326 -18.36 -0.61 -19.47
N ASP A 327 -17.24 -0.83 -18.79
CA ASP A 327 -16.34 -1.96 -19.06
C ASP A 327 -15.28 -1.93 -17.98
N ASN A 328 -14.53 -3.02 -17.79
CA ASN A 328 -13.46 -3.02 -16.78
C ASN A 328 -12.05 -3.04 -17.39
N ALA A 329 -11.90 -2.34 -18.52
CA ALA A 329 -10.67 -2.40 -19.28
C ALA A 329 -9.46 -1.83 -18.53
N THR A 330 -9.69 -0.96 -17.55
CA THR A 330 -8.56 -0.43 -16.80
C THR A 330 -8.33 -1.27 -15.55
N GLU A 331 -9.25 -2.19 -15.27
CA GLU A 331 -9.05 -3.06 -14.15
C GLU A 331 -8.03 -4.10 -14.59
N GLU A 332 -8.33 -4.73 -15.72
CA GLU A 332 -7.49 -5.82 -16.17
C GLU A 332 -6.15 -5.27 -16.66
N ALA A 333 -6.13 -3.98 -16.99
CA ALA A 333 -4.89 -3.32 -17.41
C ALA A 333 -4.02 -3.14 -16.19
N CYS A 334 -4.64 -2.78 -15.08
CA CYS A 334 -3.95 -2.61 -13.82
C CYS A 334 -3.44 -3.98 -13.33
N LEU A 335 -4.29 -5.00 -13.49
CA LEU A 335 -3.99 -6.39 -13.12
C LEU A 335 -2.79 -6.99 -13.87
N GLN A 336 -2.76 -6.83 -15.19
CA GLN A 336 -1.70 -7.40 -15.99
C GLN A 336 -0.44 -6.55 -16.05
N THR A 337 -0.35 -5.52 -15.21
CA THR A 337 0.80 -4.63 -15.25
C THR A 337 1.42 -4.47 -13.88
N GLU A 338 2.73 -4.65 -13.86
CA GLU A 338 3.59 -4.47 -12.69
C GLU A 338 3.49 -3.12 -11.94
N GLY A 339 3.54 -3.19 -10.61
CA GLY A 339 3.59 -2.00 -9.79
C GLY A 339 2.32 -1.17 -9.79
N CYS A 340 1.27 -1.70 -10.39
CA CYS A 340 -0.01 -1.02 -10.43
C CYS A 340 -0.85 -1.50 -9.24
N ILE A 341 -1.88 -0.76 -8.87
CA ILE A 341 -2.78 -1.18 -7.80
C ILE A 341 -4.23 -0.81 -8.14
N PHE A 342 -5.14 -1.78 -8.14
CA PHE A 342 -6.54 -1.46 -8.43
C PHE A 342 -7.30 -1.12 -7.16
N ILE A 343 -8.29 -0.24 -7.31
CA ILE A 343 -9.23 0.09 -6.26
C ILE A 343 -10.63 -0.21 -6.77
N LYS A 344 -11.33 -1.09 -6.05
CA LYS A 344 -12.60 -1.64 -6.55
C LYS A 344 -13.73 -1.56 -5.51
N LYS A 345 -14.89 -1.12 -6.00
CA LYS A 345 -16.11 -1.04 -5.21
C LYS A 345 -16.73 -2.43 -5.14
N THR A 346 -17.39 -2.72 -4.02
CA THR A 346 -18.03 -4.00 -3.80
C THR A 346 -19.49 -3.96 -4.28
N THR A 347 -19.96 -2.74 -4.49
CA THR A 347 -21.33 -2.47 -4.88
C THR A 347 -21.31 -1.72 -6.20
N PRO A 348 -22.48 -1.35 -6.73
CA PRO A 348 -22.31 -0.46 -7.88
C PRO A 348 -22.20 1.01 -7.48
N TYR A 349 -21.98 1.87 -8.47
CA TYR A 349 -21.89 3.29 -8.27
C TYR A 349 -23.29 3.90 -8.13
N VAL A 350 -23.49 4.67 -7.07
CA VAL A 350 -24.77 5.29 -6.76
C VAL A 350 -24.57 6.77 -6.40
N GLY A 351 -24.69 7.62 -7.41
CA GLY A 351 -24.37 9.03 -7.33
C GLY A 351 -25.30 9.91 -6.54
N GLU A 352 -24.77 11.03 -6.03
CA GLU A 352 -25.50 11.95 -5.15
C GLU A 352 -26.10 13.12 -5.92
N ALA A 353 -25.57 13.42 -7.09
CA ALA A 353 -26.05 14.56 -7.88
C ALA A 353 -26.76 14.05 -9.09
N ASP A 354 -26.03 13.20 -9.78
CA ASP A 354 -26.55 12.33 -10.79
C ASP A 354 -26.78 10.98 -10.16
N ASP A 355 -27.12 10.04 -11.01
CA ASP A 355 -26.97 8.66 -10.67
C ASP A 355 -25.47 8.39 -10.81
N ASN A 356 -24.83 9.12 -11.72
CA ASN A 356 -23.45 8.84 -12.05
C ASN A 356 -22.38 9.57 -11.21
N HIS A 357 -22.77 10.37 -10.23
CA HIS A 357 -21.79 11.19 -9.55
C HIS A 357 -22.03 11.37 -8.07
N GLY A 358 -21.25 10.70 -7.23
CA GLY A 358 -21.34 10.89 -5.78
C GLY A 358 -21.58 9.63 -4.95
N ASP A 359 -20.74 8.61 -5.15
CA ASP A 359 -20.93 7.31 -4.52
C ASP A 359 -20.41 7.29 -3.07
N ILE A 360 -21.19 6.74 -2.14
CA ILE A 360 -20.82 6.70 -0.72
C ILE A 360 -19.63 5.79 -0.48
N GLU A 361 -19.69 4.61 -1.10
CA GLU A 361 -18.63 3.60 -1.03
C GLU A 361 -17.32 4.16 -1.57
N MET A 362 -17.37 4.78 -2.74
CA MET A 362 -16.20 5.44 -3.30
C MET A 362 -15.63 6.55 -2.38
N ARG A 363 -16.51 7.40 -1.88
CA ARG A 363 -16.09 8.51 -1.03
C ARG A 363 -15.35 8.03 0.21
N GLN A 364 -15.79 6.90 0.74
CA GLN A 364 -15.17 6.30 1.90
C GLN A 364 -13.98 5.47 1.44
N LEU A 365 -14.01 5.04 0.19
CA LEU A 365 -12.86 4.34 -0.36
C LEU A 365 -11.69 5.33 -0.51
N LEU A 366 -11.91 6.33 -1.37
CA LEU A 366 -10.98 7.45 -1.61
C LEU A 366 -10.80 8.45 -0.47
N SER A 367 -11.27 8.14 0.72
CA SER A 367 -11.21 9.12 1.78
C SER A 367 -9.82 9.10 2.41
N GLY A 368 -9.00 8.14 2.00
CA GLY A 368 -7.69 7.97 2.57
C GLY A 368 -6.73 9.01 2.06
N LEU A 369 -7.22 9.82 1.15
CA LEU A 369 -6.33 10.65 0.36
C LEU A 369 -5.95 12.12 0.75
N GLY A 370 -6.57 12.80 1.69
CA GLY A 370 -7.22 12.25 2.82
C GLY A 370 -6.27 12.63 3.91
N ASN A 371 -5.62 11.60 4.47
CA ASN A 371 -4.99 11.67 5.77
C ASN A 371 -3.54 12.14 5.78
N ASN A 372 -3.08 12.54 6.96
CA ASN A 372 -1.71 13.01 7.11
C ASN A 372 -0.79 11.86 7.60
N ASP A 373 -1.34 10.64 7.71
CA ASP A 373 -0.65 9.61 8.50
C ASP A 373 -0.76 8.17 7.99
N THR A 374 -1.16 7.98 6.74
CA THR A 374 -0.98 6.70 6.06
C THR A 374 0.53 6.39 5.99
N VAL A 375 0.95 5.18 6.33
CA VAL A 375 2.37 4.83 6.24
C VAL A 375 2.71 3.72 5.23
N CYS A 376 1.73 2.93 4.84
CA CYS A 376 1.92 1.90 3.83
C CYS A 376 0.69 1.86 2.94
N VAL A 377 0.86 1.39 1.72
CA VAL A 377 -0.22 1.37 0.75
C VAL A 377 -0.19 0.12 -0.15
N SER A 378 -0.90 -0.95 0.25
CA SER A 378 -0.83 -2.21 -0.49
C SER A 378 -2.09 -2.50 -1.26
N GLN A 379 -2.04 -3.50 -2.14
CA GLN A 379 -3.18 -3.92 -2.94
C GLN A 379 -4.36 -4.35 -2.05
N SER A 380 -4.06 -4.61 -0.78
CA SER A 380 -5.05 -4.93 0.25
C SER A 380 -5.59 -3.71 0.98
N GLY A 381 -5.27 -2.52 0.49
CA GLY A 381 -5.57 -1.30 1.22
C GLY A 381 -4.35 -0.77 1.95
N TYR A 382 -4.56 0.06 2.98
CA TYR A 382 -3.51 0.92 3.55
C TYR A 382 -3.48 1.00 5.07
N THR A 383 -2.29 1.10 5.64
CA THR A 383 -2.18 1.12 7.10
C THR A 383 -1.51 2.37 7.65
N LYS A 384 -1.64 2.52 8.95
CA LYS A 384 -0.87 3.45 9.75
C LYS A 384 0.32 2.72 10.40
N GLY A 385 1.02 3.39 11.31
CA GLY A 385 2.20 2.80 11.91
C GLY A 385 2.07 2.42 13.37
N GLU A 386 1.08 1.60 13.70
CA GLU A 386 0.85 1.22 15.08
C GLU A 386 1.90 0.20 15.44
N THR A 387 1.92 -0.89 14.67
CA THR A 387 2.77 -2.06 14.92
C THR A 387 3.45 -2.49 13.64
N PRO A 388 4.46 -3.38 13.74
CA PRO A 388 5.06 -3.95 12.53
C PRO A 388 4.26 -5.11 11.92
N PHE A 389 3.14 -5.51 12.53
CA PHE A 389 2.46 -6.72 12.07
C PHE A 389 1.07 -6.45 11.59
N VAL A 390 0.57 -7.40 10.81
CA VAL A 390 -0.77 -7.40 10.26
C VAL A 390 -1.33 -8.79 10.44
N LYS A 391 -2.64 -8.89 10.61
CA LYS A 391 -3.27 -10.19 10.84
C LYS A 391 -3.13 -11.03 9.62
N ASP A 392 -3.23 -10.39 8.48
CA ASP A 392 -3.00 -11.05 7.23
C ASP A 392 -1.95 -10.35 6.40
N TYR A 393 -1.54 -10.99 5.33
CA TYR A 393 -0.53 -10.43 4.48
C TYR A 393 -1.04 -9.18 3.82
N LEU A 394 -0.16 -8.18 3.72
CA LEU A 394 -0.44 -7.04 2.90
C LEU A 394 -0.03 -7.37 1.49
N SER A 395 -1.02 -7.38 0.61
CA SER A 395 -0.88 -7.92 -0.73
C SER A 395 -0.24 -6.93 -1.64
N PRO A 396 0.78 -7.37 -2.37
CA PRO A 396 1.43 -6.50 -3.35
C PRO A 396 0.58 -6.29 -4.61
N PRO A 397 0.87 -5.22 -5.36
CA PRO A 397 1.94 -4.22 -5.12
C PRO A 397 1.73 -3.34 -3.90
N LYS A 398 2.82 -3.03 -3.21
CA LYS A 398 2.81 -2.22 -2.01
C LYS A 398 4.08 -1.38 -1.94
N TYR A 399 4.05 -0.34 -1.11
CA TYR A 399 5.25 0.41 -0.81
C TYR A 399 5.11 1.07 0.54
N GLY A 400 6.23 1.47 1.13
CA GLY A 400 6.21 2.12 2.42
C GLY A 400 6.69 1.20 3.53
N ARG A 401 6.59 1.69 4.78
CA ARG A 401 6.85 0.87 5.95
C ARG A 401 5.72 -0.15 6.10
N CYS A 402 5.77 -1.18 5.27
CA CYS A 402 4.76 -2.20 5.20
C CYS A 402 4.91 -3.25 6.29
N GLN A 403 3.79 -3.60 6.89
CA GLN A 403 3.83 -4.58 7.95
C GLN A 403 3.98 -5.96 7.38
N LEU A 404 4.06 -6.88 8.33
CA LEU A 404 4.36 -8.27 8.08
C LEU A 404 3.40 -9.16 8.84
N LYS A 405 2.76 -10.09 8.12
CA LYS A 405 1.87 -11.04 8.78
C LYS A 405 2.64 -12.05 9.58
N THR A 406 2.42 -12.02 10.87
CA THR A 406 2.85 -13.09 11.74
C THR A 406 1.62 -13.69 12.41
N ASP A 407 1.72 -14.97 12.80
CA ASP A 407 0.65 -15.66 13.51
C ASP A 407 0.52 -15.12 14.92
N SER A 408 -0.70 -15.01 15.43
CA SER A 408 -0.89 -14.35 16.71
C SER A 408 -0.15 -15.07 17.81
N GLY A 409 -0.06 -16.40 17.67
CA GLY A 409 0.59 -17.26 18.65
C GLY A 409 2.09 -17.07 18.78
N ARG A 410 2.67 -16.27 17.89
CA ARG A 410 4.11 -16.02 17.94
C ARG A 410 4.44 -14.67 18.55
N ILE A 411 3.46 -13.77 18.56
CA ILE A 411 3.66 -12.46 19.19
C ILE A 411 3.93 -12.67 20.66
N PRO A 412 5.14 -12.33 21.10
CA PRO A 412 5.55 -12.51 22.49
C PRO A 412 4.71 -11.65 23.42
N THR A 413 4.78 -11.97 24.71
CA THR A 413 3.96 -11.32 25.72
C THR A 413 4.79 -10.85 26.92
N LEU A 414 4.18 -10.06 27.78
CA LEU A 414 4.89 -9.49 28.92
C LEU A 414 4.06 -9.72 30.14
N PRO A 415 4.72 -10.02 31.26
CA PRO A 415 4.02 -10.30 32.52
C PRO A 415 3.02 -9.21 32.95
N SER A 416 2.11 -9.55 33.85
CA SER A 416 1.25 -8.55 34.51
C SER A 416 0.47 -9.14 35.67
N GLY A 417 -0.32 -8.29 36.34
CA GLY A 417 -0.94 -8.69 37.58
C GLY A 417 0.16 -8.97 38.60
N LEU A 418 -0.12 -9.86 39.55
CA LEU A 418 0.84 -10.17 40.62
C LEU A 418 2.13 -10.75 40.05
N ILE A 419 3.28 -10.20 40.47
CA ILE A 419 4.55 -10.61 39.89
C ILE A 419 5.65 -10.88 40.92
N ILE A 420 6.18 -12.10 40.91
CA ILE A 420 7.30 -12.48 41.77
C ILE A 420 8.58 -12.62 40.95
N PRO A 421 9.68 -11.98 41.40
CA PRO A 421 10.94 -12.26 40.71
C PRO A 421 11.44 -13.70 40.91
N GLN A 422 12.67 -13.91 40.46
CA GLN A 422 13.38 -15.16 40.63
C GLN A 422 14.79 -14.82 40.26
N ALA A 423 15.73 -15.64 40.72
CA ALA A 423 17.13 -15.46 40.44
C ALA A 423 17.83 -16.57 41.17
N GLY A 424 18.83 -17.15 40.51
CA GLY A 424 19.60 -18.23 41.09
C GLY A 424 18.85 -19.55 41.05
N THR A 425 19.60 -20.65 41.23
CA THR A 425 19.02 -21.99 41.24
C THR A 425 18.09 -22.12 42.41
N ASP A 426 18.39 -21.33 43.44
CA ASP A 426 17.65 -21.34 44.68
C ASP A 426 17.71 -22.77 45.26
N SER A 427 18.87 -23.17 45.78
CA SER A 427 19.05 -24.54 46.27
C SER A 427 20.21 -24.66 47.27
N PHE B 9 12.19 -19.15 51.46
CA PHE B 9 12.49 -18.83 52.85
C PHE B 9 13.03 -17.41 53.02
N GLY B 10 12.51 -16.48 52.22
CA GLY B 10 12.75 -15.06 52.44
C GLY B 10 13.52 -14.22 51.44
N LEU B 11 13.01 -14.14 50.19
CA LEU B 11 13.28 -13.07 49.18
C LEU B 11 14.27 -13.35 48.04
N LEU B 12 15.02 -14.45 48.09
CA LEU B 12 15.90 -14.81 46.97
C LEU B 12 15.37 -16.05 46.31
N PHE B 13 14.39 -16.61 47.00
CA PHE B 13 13.77 -17.88 46.68
C PHE B 13 12.27 -17.72 46.55
N VAL B 14 11.65 -18.57 45.75
CA VAL B 14 10.20 -18.61 45.68
C VAL B 14 9.67 -20.03 45.94
N GLY B 15 8.77 -20.16 46.92
CA GLY B 15 8.16 -21.44 47.21
C GLY B 15 6.84 -21.64 46.49
N PHE B 16 6.23 -22.81 46.62
CA PHE B 16 4.95 -23.13 45.99
C PHE B 16 3.89 -23.51 47.04
N VAL B 17 2.70 -23.88 46.58
CA VAL B 17 1.60 -24.34 47.44
C VAL B 17 0.59 -25.09 46.60
N ALA B 18 -0.24 -25.89 47.25
CA ALA B 18 -1.15 -26.76 46.53
C ALA B 18 -2.61 -26.28 46.57
N GLY B 19 -3.52 -27.18 46.17
CA GLY B 19 -4.96 -27.03 46.32
C GLY B 19 -5.57 -25.65 46.15
N GLY B 20 -5.93 -25.04 47.27
CA GLY B 20 -6.36 -23.65 47.31
C GLY B 20 -5.15 -22.77 47.50
N VAL B 21 -5.14 -22.02 48.59
CA VAL B 21 -3.96 -21.23 49.01
C VAL B 21 -3.63 -20.09 48.07
N ALA B 22 -3.62 -18.87 48.56
CA ALA B 22 -3.18 -17.73 47.74
C ALA B 22 -1.65 -17.77 47.51
N GLY B 23 -1.13 -16.83 46.72
CA GLY B 23 0.31 -16.69 46.47
C GLY B 23 0.76 -15.24 46.64
N GLY B 24 2.06 -15.02 46.89
CA GLY B 24 2.58 -13.66 47.00
C GLY B 24 3.70 -13.43 48.00
N TYR B 25 3.66 -12.25 48.63
CA TYR B 25 4.52 -11.90 49.77
C TYR B 25 3.71 -11.81 51.06
N PHE B 26 4.20 -12.42 52.13
CA PHE B 26 3.41 -12.56 53.34
C PHE B 26 4.17 -12.04 54.56
N TRP B 27 3.98 -12.70 55.71
CA TRP B 27 4.72 -12.43 56.94
C TRP B 27 4.84 -13.67 57.83
N GLY B 28 6.07 -14.05 58.18
CA GLY B 28 6.30 -15.28 58.92
C GLY B 28 7.09 -15.14 60.21
N ARG B 29 6.97 -16.14 61.09
CA ARG B 29 7.72 -16.16 62.34
C ARG B 29 8.24 -17.57 62.66
N SER B 30 9.37 -17.66 63.36
CA SER B 30 10.09 -18.93 63.51
C SER B 30 9.88 -19.67 64.83
N ASN B 31 10.87 -19.56 65.72
CA ASN B 31 11.02 -20.48 66.84
C ASN B 31 10.31 -20.06 68.15
N GLY B 32 11.05 -20.08 69.26
CA GLY B 32 10.49 -19.72 70.57
C GLY B 32 11.22 -20.34 71.74
N GLY B 33 10.51 -21.18 72.50
CA GLY B 33 11.04 -21.81 73.69
C GLY B 33 11.88 -23.06 73.43
N GLY B 34 12.23 -23.26 72.15
CA GLY B 34 13.10 -24.35 71.74
C GLY B 34 12.45 -25.72 71.86
N GLY B 35 11.90 -26.23 70.75
CA GLY B 35 11.93 -25.53 69.47
C GLY B 35 10.55 -25.26 68.88
N GLY B 36 10.49 -24.33 67.93
CA GLY B 36 9.24 -23.84 67.38
C GLY B 36 8.72 -24.59 66.16
N ALA B 37 7.49 -24.27 65.76
CA ALA B 37 6.81 -24.93 64.64
C ALA B 37 6.40 -23.93 63.57
N SER B 38 6.97 -22.72 63.64
CA SER B 38 6.73 -21.64 62.67
C SER B 38 5.30 -21.09 62.76
N VAL B 39 5.10 -19.89 62.19
CA VAL B 39 3.77 -19.25 62.09
C VAL B 39 3.78 -18.12 61.03
N SER B 40 2.92 -18.26 60.02
CA SER B 40 2.87 -17.33 58.88
C SER B 40 1.60 -16.46 58.86
N SER B 41 1.75 -15.14 58.92
CA SER B 41 0.58 -14.25 58.91
C SER B 41 -0.04 -14.13 57.52
N THR B 42 -0.96 -13.18 57.35
CA THR B 42 -1.68 -13.06 56.08
C THR B 42 -1.41 -11.75 55.36
N GLN B 43 -0.17 -11.60 54.89
CA GLN B 43 0.28 -10.46 54.11
C GLN B 43 0.24 -9.17 54.92
N ALA B 44 1.18 -8.28 54.65
CA ALA B 44 1.05 -6.94 55.19
C ALA B 44 0.34 -6.09 54.15
N GLY B 45 0.02 -4.85 54.51
CA GLY B 45 -0.62 -3.94 53.59
C GLY B 45 0.31 -3.49 52.49
N PHE B 46 1.51 -4.08 52.46
CA PHE B 46 2.56 -3.89 51.44
C PHE B 46 2.08 -3.18 50.19
N ASP B 47 1.80 -1.90 50.34
CA ASP B 47 1.18 -1.08 49.30
C ASP B 47 2.21 -0.29 48.52
N LYS B 48 3.40 -0.12 49.08
CA LYS B 48 4.51 0.50 48.38
C LYS B 48 4.79 -0.33 47.13
N ILE B 49 4.80 -1.65 47.33
CA ILE B 49 4.86 -2.64 46.26
C ILE B 49 3.96 -2.26 45.09
N GLY B 50 2.66 -2.52 45.26
CA GLY B 50 1.70 -2.33 44.19
C GLY B 50 1.70 -0.97 43.52
N LYS B 51 2.30 0.02 44.17
CA LYS B 51 2.51 1.32 43.54
C LYS B 51 3.64 1.20 42.53
N ASP B 52 4.64 0.42 42.90
CA ASP B 52 5.83 0.26 42.08
C ASP B 52 5.61 -0.73 40.92
N ILE B 53 5.00 -1.87 41.20
CA ILE B 53 4.58 -2.78 40.14
C ILE B 53 3.77 -2.02 39.10
N GLN B 54 2.92 -1.12 39.57
CA GLN B 54 2.13 -0.28 38.68
C GLN B 54 3.04 0.73 37.96
N GLN B 55 4.04 1.23 38.68
CA GLN B 55 5.00 2.13 38.06
C GLN B 55 5.75 1.40 36.94
N LEU B 56 6.37 0.30 37.33
CA LEU B 56 7.29 -0.43 36.48
C LEU B 56 6.68 -0.85 35.15
N ARG B 57 5.59 -1.61 35.19
CA ARG B 57 5.03 -2.14 33.95
C ARG B 57 4.48 -1.00 33.08
N ASN B 58 4.41 0.18 33.65
CA ASN B 58 3.99 1.36 32.93
C ASN B 58 5.22 2.02 32.27
N ASP B 59 6.42 1.54 32.62
CA ASP B 59 7.68 2.04 32.04
C ASP B 59 8.13 1.28 30.81
N THR B 60 8.01 -0.03 30.88
CA THR B 60 8.26 -0.93 29.76
C THR B 60 7.94 -0.33 28.40
N ASN B 61 6.81 0.38 28.33
CA ASN B 61 6.30 0.98 27.09
C ASN B 61 7.38 1.74 26.32
N ALA B 62 8.24 2.44 27.05
CA ALA B 62 9.39 3.15 26.47
C ALA B 62 10.11 2.32 25.41
N ALA B 63 10.46 1.09 25.79
CA ALA B 63 11.07 0.13 24.88
C ALA B 63 10.03 -0.45 23.92
N ILE B 64 8.79 -0.54 24.39
CA ILE B 64 7.73 -1.11 23.57
C ILE B 64 7.31 -0.12 22.50
N GLU B 65 7.32 1.15 22.86
CA GLU B 65 7.05 2.21 21.92
C GLU B 65 8.17 2.26 20.87
N GLY B 66 9.39 1.98 21.33
CA GLY B 66 10.55 1.90 20.47
C GLY B 66 10.46 0.78 19.44
N PHE B 67 10.15 -0.42 19.90
CA PHE B 67 9.97 -1.55 19.00
C PHE B 67 8.83 -1.33 18.00
N ASN B 68 7.81 -0.57 18.40
CA ASN B 68 6.60 -0.37 17.61
C ASN B 68 6.84 0.60 16.47
N GLY B 69 7.74 1.55 16.75
CA GLY B 69 8.04 2.64 15.84
C GLY B 69 8.94 2.24 14.68
N ARG B 70 9.52 1.05 14.75
CA ARG B 70 10.45 0.61 13.71
C ARG B 70 9.82 -0.40 12.75
N ILE B 71 9.35 0.09 11.60
CA ILE B 71 8.87 -0.73 10.50
C ILE B 71 9.65 -0.42 9.22
N ALA B 72 10.37 -1.37 8.63
CA ALA B 72 11.28 -0.98 7.56
C ALA B 72 10.56 -0.62 6.25
N HIS B 73 11.17 0.28 5.46
CA HIS B 73 10.62 0.67 4.18
C HIS B 73 10.93 -0.38 3.12
N ASP B 74 9.90 -0.78 2.38
CA ASP B 74 10.01 -1.75 1.30
C ASP B 74 9.26 -1.24 0.07
N GLU B 75 9.48 -1.87 -1.08
CA GLU B 75 8.74 -1.59 -2.29
C GLU B 75 8.84 -2.78 -3.21
N GLN B 76 7.74 -3.50 -3.35
CA GLN B 76 7.59 -4.53 -4.38
C GLN B 76 6.61 -4.01 -5.43
N ALA B 77 6.85 -4.35 -6.68
CA ALA B 77 6.00 -3.86 -7.75
C ALA B 77 5.27 -5.05 -8.32
N ILE B 78 5.47 -6.18 -7.64
CA ILE B 78 5.10 -7.49 -8.15
C ILE B 78 3.68 -7.85 -7.67
N LYS B 79 2.90 -8.49 -8.54
CA LYS B 79 1.47 -8.70 -8.28
C LYS B 79 1.15 -9.89 -7.35
N ASN B 80 2.05 -10.86 -7.33
CA ASN B 80 1.95 -12.05 -6.48
C ASN B 80 2.86 -12.02 -5.22
N LEU B 81 2.29 -12.30 -4.05
CA LEU B 81 2.98 -12.23 -2.74
C LEU B 81 4.30 -13.02 -2.69
N ALA B 82 5.31 -12.49 -2.00
CA ALA B 82 6.54 -13.23 -1.76
C ALA B 82 6.50 -13.86 -0.38
N LYS B 83 5.84 -15.02 -0.28
CA LYS B 83 5.44 -15.55 1.01
C LYS B 83 6.55 -16.09 1.91
N GLU B 84 7.55 -16.78 1.35
CA GLU B 84 8.67 -17.23 2.17
C GLU B 84 9.45 -16.04 2.58
N ILE B 85 9.58 -15.12 1.63
CA ILE B 85 10.24 -13.85 1.87
C ILE B 85 9.51 -13.05 2.96
N GLU B 86 8.19 -13.01 2.83
CA GLU B 86 7.36 -12.36 3.80
C GLU B 86 7.61 -12.93 5.16
N ASP B 87 7.71 -14.23 5.23
CA ASP B 87 7.74 -14.90 6.52
C ASP B 87 9.11 -15.10 7.03
N ALA B 88 10.10 -15.02 6.15
CA ALA B 88 11.45 -14.98 6.65
C ALA B 88 11.57 -13.65 7.33
N ARG B 89 11.10 -12.63 6.63
CA ARG B 89 11.11 -11.27 7.16
C ARG B 89 10.34 -11.15 8.47
N ALA B 90 9.19 -11.83 8.54
CA ALA B 90 8.37 -11.81 9.74
C ALA B 90 9.04 -12.61 10.84
N GLU B 91 9.82 -13.62 10.45
CA GLU B 91 10.42 -14.49 11.44
C GLU B 91 11.64 -13.82 12.05
N ALA B 92 12.41 -13.14 11.21
CA ALA B 92 13.52 -12.31 11.68
C ALA B 92 12.99 -11.29 12.69
N LEU B 93 11.87 -10.65 12.37
CA LEU B 93 11.36 -9.57 13.20
C LEU B 93 10.79 -10.07 14.52
N VAL B 94 10.08 -11.19 14.48
CA VAL B 94 9.60 -11.75 15.74
C VAL B 94 10.81 -12.21 16.56
N GLY B 95 11.85 -12.65 15.85
CA GLY B 95 13.11 -13.07 16.46
C GLY B 95 13.73 -11.96 17.29
N GLU B 96 14.00 -10.83 16.63
CA GLU B 96 14.50 -9.62 17.27
C GLU B 96 13.66 -9.24 18.49
N LEU B 97 12.34 -9.41 18.36
CA LEU B 97 11.40 -9.06 19.41
C LEU B 97 11.57 -9.95 20.64
N GLY B 98 11.86 -11.23 20.41
CA GLY B 98 11.99 -12.20 21.48
C GLY B 98 13.07 -11.74 22.45
N ILE B 99 14.17 -11.31 21.87
CA ILE B 99 15.26 -10.71 22.60
C ILE B 99 14.78 -9.56 23.47
N ILE B 100 14.14 -8.58 22.86
CA ILE B 100 13.63 -7.41 23.55
C ILE B 100 12.80 -7.78 24.75
N ARG B 101 11.88 -8.71 24.55
CA ARG B 101 11.06 -9.26 25.63
C ARG B 101 11.94 -9.70 26.76
N SER B 102 12.90 -10.55 26.41
CA SER B 102 13.79 -11.17 27.38
C SER B 102 14.49 -10.10 28.19
N LEU B 103 14.55 -8.89 27.67
CA LEU B 103 15.31 -7.84 28.33
C LEU B 103 14.48 -6.94 29.20
N ILE B 104 13.23 -6.74 28.78
CA ILE B 104 12.31 -6.01 29.61
C ILE B 104 12.18 -6.83 30.87
N VAL B 105 11.99 -8.13 30.66
CA VAL B 105 11.81 -9.07 31.75
C VAL B 105 12.95 -8.96 32.76
N ALA B 106 14.17 -9.08 32.29
CA ALA B 106 15.31 -8.93 33.16
C ALA B 106 15.31 -7.52 33.72
N ASN B 107 14.76 -6.57 32.96
CA ASN B 107 14.83 -5.19 33.39
C ASN B 107 13.84 -4.98 34.50
N ILE B 108 12.86 -5.86 34.60
CA ILE B 108 11.96 -5.80 35.73
C ILE B 108 12.50 -6.69 36.85
N SER B 109 12.40 -8.00 36.65
CA SER B 109 13.13 -9.04 37.40
C SER B 109 14.36 -8.57 38.22
N MET B 110 15.18 -7.74 37.60
CA MET B 110 16.25 -7.09 38.32
C MET B 110 15.64 -5.92 39.10
N ASN B 111 14.92 -5.03 38.44
CA ASN B 111 14.40 -3.81 39.10
C ASN B 111 13.27 -4.06 40.09
N LEU B 112 12.46 -5.10 39.89
CA LEU B 112 11.46 -5.47 40.89
C LEU B 112 12.23 -5.94 42.11
N LYS B 113 12.98 -7.03 41.95
CA LYS B 113 13.82 -7.59 43.00
C LYS B 113 14.90 -6.60 43.50
N GLU B 114 15.07 -5.43 42.87
CA GLU B 114 15.94 -4.37 43.40
C GLU B 114 15.17 -3.40 44.30
N SER B 115 13.84 -3.45 44.22
CA SER B 115 12.99 -2.62 45.10
C SER B 115 12.30 -3.43 46.20
N LEU B 116 12.28 -4.77 46.08
CA LEU B 116 11.94 -5.67 47.20
C LEU B 116 13.12 -5.60 48.16
N TYR B 117 14.22 -5.08 47.62
CA TYR B 117 15.45 -4.80 48.33
C TYR B 117 15.53 -3.30 48.63
N GLU B 118 14.44 -2.58 48.34
CA GLU B 118 14.29 -1.17 48.69
C GLU B 118 13.03 -0.99 49.57
N LEU B 119 12.57 -2.12 50.12
CA LEU B 119 11.50 -2.16 51.13
C LEU B 119 12.03 -2.83 52.40
N ALA B 120 12.85 -3.88 52.24
CA ALA B 120 13.38 -4.63 53.38
C ALA B 120 14.56 -3.92 54.09
N ASN B 121 14.93 -2.74 53.61
CA ASN B 121 15.85 -1.86 54.35
C ASN B 121 15.04 -0.88 55.22
N GLN B 122 13.88 -0.46 54.71
CA GLN B 122 12.91 0.30 55.51
C GLN B 122 12.60 -0.47 56.81
N ILE B 123 12.58 -1.80 56.70
CA ILE B 123 12.29 -2.75 57.80
C ILE B 123 13.51 -3.00 58.69
N THR B 124 14.69 -2.93 58.10
CA THR B 124 15.94 -3.22 58.82
C THR B 124 16.52 -1.91 59.45
N LYS B 125 15.91 -0.77 59.14
CA LYS B 125 16.40 0.52 59.67
C LYS B 125 15.47 1.25 60.65
N ARG B 126 14.25 0.73 60.86
CA ARG B 126 13.34 1.33 61.84
C ARG B 126 13.70 0.87 63.26
N GLY B 127 13.56 -0.43 63.53
CA GLY B 127 14.07 -1.02 64.77
C GLY B 127 15.46 -1.59 64.52
N GLY B 128 16.48 -0.80 64.85
CA GLY B 128 17.86 -1.15 64.54
C GLY B 128 18.90 -0.67 65.56
N GLY B 129 20.00 -1.41 65.72
CA GLY B 129 20.20 -2.67 65.02
C GLY B 129 19.58 -3.85 65.73
N ILE B 130 18.34 -3.68 66.22
CA ILE B 130 17.50 -4.74 66.77
C ILE B 130 17.29 -5.82 65.71
N ALA B 131 17.01 -5.35 64.49
CA ALA B 131 16.76 -6.18 63.33
C ALA B 131 17.82 -7.31 63.18
N GLN B 132 19.08 -6.90 63.03
CA GLN B 132 20.19 -7.82 62.78
C GLN B 132 19.92 -8.58 61.48
N GLU B 133 20.28 -7.95 60.35
CA GLU B 133 20.11 -8.50 59.00
C GLU B 133 20.47 -9.97 58.85
N ALA B 134 19.47 -10.85 58.95
CA ALA B 134 19.67 -12.21 58.47
C ALA B 134 19.55 -12.14 56.95
N GLY B 135 20.39 -11.27 56.38
CA GLY B 135 20.26 -10.84 55.00
C GLY B 135 19.07 -9.92 54.81
N PRO B 136 18.31 -10.15 53.73
CA PRO B 136 17.11 -9.47 53.27
C PRO B 136 15.82 -10.24 53.57
N GLY B 137 14.69 -9.54 53.73
CA GLY B 137 13.42 -10.18 53.99
C GLY B 137 13.34 -10.90 55.33
N CYS B 138 14.49 -11.35 55.82
CA CYS B 138 14.62 -12.14 57.05
C CYS B 138 15.56 -11.46 58.04
N TRP B 139 15.26 -11.60 59.33
CA TRP B 139 16.02 -10.93 60.40
C TRP B 139 15.98 -11.65 61.77
N TYR B 140 16.86 -11.23 62.68
CA TYR B 140 16.96 -11.85 64.00
C TYR B 140 16.60 -10.95 65.15
N VAL B 141 15.36 -11.10 65.61
CA VAL B 141 14.88 -10.31 66.74
C VAL B 141 14.66 -11.19 67.98
N ASP B 142 15.40 -10.85 69.03
CA ASP B 142 15.29 -11.56 70.31
C ASP B 142 14.09 -11.09 71.12
N SER B 143 13.36 -12.04 71.72
CA SER B 143 12.36 -11.73 72.72
C SER B 143 13.05 -11.54 74.08
N GLU B 144 13.86 -10.48 74.14
CA GLU B 144 14.56 -10.05 75.37
C GLU B 144 14.53 -8.53 75.51
N ASN B 145 14.82 -7.84 74.40
CA ASN B 145 14.95 -6.38 74.37
C ASN B 145 14.02 -5.73 73.31
N CYS B 146 13.20 -6.55 72.66
CA CYS B 146 12.17 -6.09 71.72
C CYS B 146 10.97 -7.06 71.73
N ASP B 147 9.75 -6.55 71.97
CA ASP B 147 8.61 -7.41 72.35
C ASP B 147 7.37 -7.51 71.40
N ALA B 148 6.31 -6.74 71.66
CA ALA B 148 4.98 -6.99 71.05
C ALA B 148 4.32 -5.81 70.29
N SER B 149 4.37 -4.59 70.82
CA SER B 149 3.98 -3.41 70.02
C SER B 149 5.22 -2.60 69.69
N CYS B 150 6.37 -3.20 69.99
CA CYS B 150 7.65 -2.85 69.38
C CYS B 150 7.75 -3.62 68.05
N LYS B 151 7.01 -4.74 67.99
CA LYS B 151 6.92 -5.60 66.80
C LYS B 151 5.67 -5.32 65.92
N GLU B 152 4.77 -4.44 66.38
CA GLU B 152 3.66 -3.96 65.52
C GLU B 152 4.01 -2.56 65.05
N TYR B 153 5.01 -1.94 65.69
CA TYR B 153 5.55 -0.71 65.15
C TYR B 153 6.38 -1.10 63.91
N ILE B 154 7.41 -1.93 64.07
CA ILE B 154 8.38 -2.27 63.00
C ILE B 154 7.77 -3.03 61.78
N PHE B 155 7.61 -4.37 61.84
CA PHE B 155 7.16 -5.20 60.70
C PHE B 155 5.84 -4.74 60.01
N ASN B 156 5.07 -3.89 60.70
CA ASN B 156 3.66 -3.58 60.41
C ASN B 156 2.79 -4.83 60.37
N PHE B 157 3.26 -5.88 61.06
CA PHE B 157 2.53 -7.12 61.29
C PHE B 157 3.46 -8.15 61.94
C1 NAG C . -12.87 -6.84 -27.30
C2 NAG C . -13.50 -8.24 -27.30
C3 NAG C . -13.89 -8.67 -25.87
C4 NAG C . -12.74 -8.43 -24.90
C5 NAG C . -12.18 -7.02 -25.06
C6 NAG C . -10.96 -6.75 -24.20
C7 NAG C . -14.60 -8.79 -29.43
C8 NAG C . -15.88 -8.77 -30.22
N2 NAG C . -14.67 -8.31 -28.19
O3 NAG C . -14.25 -10.05 -25.92
O4 NAG C . -13.14 -8.61 -23.54
O5 NAG C . -11.78 -6.80 -26.42
O6 NAG C . -9.89 -7.62 -24.54
O7 NAG C . -13.56 -9.22 -29.90
C1 NAG C . -12.41 -9.62 -22.77
C2 NAG C . -12.61 -9.31 -21.30
C3 NAG C . -11.94 -10.38 -20.42
C4 NAG C . -12.33 -11.79 -20.84
C5 NAG C . -12.19 -11.95 -22.36
C6 NAG C . -12.80 -13.24 -22.84
C7 NAG C . -12.83 -6.86 -21.01
C8 NAG C . -12.11 -5.60 -20.66
N2 NAG C . -12.08 -7.98 -20.98
O3 NAG C . -12.34 -10.16 -19.07
O4 NAG C . -11.48 -12.76 -20.25
O5 NAG C . -12.88 -10.90 -23.05
O6 NAG C . -14.14 -13.34 -22.39
O7 NAG C . -14.02 -6.88 -21.30
C1 BMA C . -11.89 -13.36 -18.99
C2 BMA C . -11.73 -14.95 -19.05
C3 BMA C . -11.90 -15.57 -17.63
C4 BMA C . -10.81 -14.96 -16.75
C5 BMA C . -11.26 -13.45 -16.62
C6 BMA C . -10.45 -12.59 -15.69
O2 BMA C . -10.41 -15.29 -19.46
O3 BMA C . -12.05 -17.05 -17.58
O4 BMA C . -10.53 -15.65 -15.46
O5 BMA C . -11.20 -12.80 -17.93
O6 BMA C . -9.21 -12.30 -16.35
C1 MAN C . -8.25 -11.78 -15.41
C2 MAN C . -6.84 -12.13 -15.90
C3 MAN C . -6.50 -13.57 -15.54
C4 MAN C . -6.64 -13.78 -14.07
C5 MAN C . -8.01 -13.35 -13.54
C6 MAN C . -8.02 -13.28 -12.05
O2 MAN C . -5.89 -11.34 -15.20
O3 MAN C . -5.14 -13.95 -15.94
O4 MAN C . -6.53 -15.13 -13.80
O5 MAN C . -8.44 -12.05 -14.04
O6 MAN C . -9.26 -12.84 -11.69
C1 MAN C . -5.08 -14.33 -17.35
C2 MAN C . -4.12 -15.51 -17.47
C3 MAN C . -2.86 -14.95 -16.74
C4 MAN C . -2.27 -13.76 -17.50
C5 MAN C . -3.34 -12.65 -17.80
C6 MAN C . -2.94 -11.69 -18.94
O2 MAN C . -3.85 -15.99 -18.93
O3 MAN C . -1.86 -15.89 -16.44
O4 MAN C . -1.25 -13.21 -16.70
O5 MAN C . -4.65 -13.26 -18.16
O6 MAN C . -3.31 -12.24 -20.24
C1 MAN C . -9.66 -13.53 -10.51
C2 MAN C . -11.13 -13.85 -10.73
C3 MAN C . -11.79 -12.52 -11.08
C4 MAN C . -11.56 -11.47 -9.92
C5 MAN C . -10.02 -11.35 -9.64
C6 MAN C . -9.62 -10.49 -8.46
O2 MAN C . -11.76 -14.33 -9.52
O3 MAN C . -13.15 -12.68 -11.42
O4 MAN C . -12.13 -10.19 -10.26
O5 MAN C . -9.49 -12.68 -9.42
O6 MAN C . -8.26 -10.06 -8.64
C1 NAG D . -13.99 -7.86 -16.43
C2 NAG D . -13.76 -8.96 -15.40
C3 NAG D . -13.82 -10.32 -16.08
C4 NAG D . -15.10 -10.47 -16.88
C5 NAG D . -15.28 -9.31 -17.85
C6 NAG D . -16.57 -9.35 -18.66
C7 NAG D . -12.25 -9.06 -13.45
C8 NAG D . -10.85 -8.78 -12.96
N2 NAG D . -12.48 -8.77 -14.74
O3 NAG D . -13.75 -11.30 -15.05
O4 NAG D . -15.03 -11.66 -17.65
O5 NAG D . -15.26 -8.09 -17.11
O6 NAG D . -17.67 -9.90 -17.94
O7 NAG D . -13.12 -9.52 -12.71
C1 NAG D . -15.67 -12.61 -16.82
C2 NAG D . -16.24 -13.69 -17.73
C3 NAG D . -16.79 -14.84 -16.90
C4 NAG D . -15.70 -15.37 -15.94
C5 NAG D . -15.15 -14.20 -15.13
C6 NAG D . -14.00 -14.60 -14.22
C7 NAG D . -17.11 -13.00 -19.91
C8 NAG D . -18.28 -12.40 -20.66
N2 NAG D . -17.27 -13.14 -18.59
O3 NAG D . -17.20 -15.81 -17.84
O4 NAG D . -16.21 -16.24 -14.94
O5 NAG D . -14.67 -13.18 -16.00
O6 NAG D . -13.51 -15.89 -14.55
O7 NAG D . -16.08 -13.33 -20.48
C1 NAG E . -2.40 -18.49 43.95
C2 NAG E . -3.83 -18.88 43.59
C3 NAG E . -4.55 -17.74 42.88
C4 NAG E . -4.52 -16.49 43.76
C5 NAG E . -3.08 -16.13 44.10
C6 NAG E . -3.00 -14.95 45.03
C7 NAG E . -4.31 -21.27 43.27
C8 NAG E . -4.30 -22.44 42.31
N2 NAG E . -3.86 -20.10 42.79
O3 NAG E . -5.89 -18.15 42.67
O4 NAG E . -5.10 -15.38 43.09
O5 NAG E . -2.42 -17.26 44.72
O6 NAG E . -2.06 -15.11 46.09
O7 NAG E . -4.70 -21.39 44.42
C1 NAG E . -6.30 -14.83 43.69
C2 NAG E . -6.28 -13.28 43.51
C3 NAG E . -7.69 -12.62 43.63
C4 NAG E . -8.81 -13.48 43.07
C5 NAG E . -8.64 -14.92 43.55
C6 NAG E . -9.73 -15.83 43.05
C7 NAG E . -4.23 -12.06 44.18
C8 NAG E . -3.44 -11.53 45.34
N2 NAG E . -5.37 -12.70 44.49
O3 NAG E . -7.68 -11.36 42.94
O4 NAG E . -10.08 -13.00 43.50
O5 NAG E . -7.40 -15.38 43.02
O6 NAG E . -9.50 -17.19 43.39
O7 NAG E . -3.87 -11.93 43.02
C1 NAG F . 14.42 -0.44 32.48
C2 NAG F . 14.14 0.60 31.36
C3 NAG F . 14.11 2.04 31.92
C4 NAG F . 13.40 2.15 33.27
C5 NAG F . 13.88 1.04 34.20
C6 NAG F . 13.15 1.03 35.51
C7 NAG F . 14.89 0.77 29.03
C8 NAG F . 16.04 0.64 28.09
N2 NAG F . 15.14 0.50 30.32
O3 NAG F . 13.44 2.87 30.97
O4 NAG F . 13.70 3.39 33.89
O5 NAG F . 13.61 -0.20 33.56
O6 NAG F . 11.83 0.49 35.36
O7 NAG F . 13.78 1.09 28.65
C1 NAG F . 12.73 4.45 33.66
C2 NAG F . 12.74 5.35 34.90
C3 NAG F . 11.92 6.63 34.67
C4 NAG F . 12.35 7.32 33.38
C5 NAG F . 12.27 6.33 32.22
C6 NAG F . 12.74 6.90 30.92
C7 NAG F . 13.08 4.06 36.96
C8 NAG F . 12.41 3.38 38.11
N2 NAG F . 12.27 4.64 36.07
O3 NAG F . 12.08 7.50 35.78
O4 NAG F . 11.54 8.47 33.11
O5 NAG F . 13.11 5.19 32.51
O6 NAG F . 12.38 6.05 29.84
O7 NAG F . 14.30 4.08 36.84
AS CAC G . -17.89 12.57 -16.13
O2 CAC G . -16.76 13.20 -17.28
C1 CAC G . -19.69 13.20 -16.57
C2 CAC G . -17.86 10.61 -16.17
C11 5KQ H . -22.16 15.89 -12.35
C10 5KQ H . -22.40 16.32 -13.77
O10 5KQ H . -21.82 17.28 -14.27
N5 5KQ H . -23.22 15.56 -14.44
C5 5KQ H . -23.59 15.85 -15.79
C4 5KQ H . -24.97 15.25 -16.04
O4 5KQ H . -25.92 15.87 -15.16
C3 5KQ H . -25.38 15.49 -17.48
C2 5KQ H . -24.31 14.95 -18.42
C1 5KQ H . -24.22 13.42 -18.27
O1B 5KQ H . -23.11 12.89 -18.52
O1A 5KQ H . -25.25 12.82 -17.92
O2 5KQ H . -24.66 15.26 -19.77
O6 5KQ H . -23.04 15.55 -18.13
C6 5KQ H . -22.61 15.25 -16.79
C7 5KQ H . -21.22 15.85 -16.55
O7 5KQ H . -20.60 15.20 -15.44
C8 5KQ H . -20.36 15.65 -17.80
O8 5KQ H . -20.59 14.35 -18.33
C9 5KQ H . -20.70 16.70 -18.85
NAD 5KQ H . -19.50 17.08 -19.60
CAB 5KQ H . -19.41 18.23 -20.27
OAC 5KQ H . -20.30 19.08 -20.31
CAA 5KQ H . -18.07 18.45 -21.00
C11 5KQ I . -10.99 9.29 -47.43
C10 5KQ I . -12.30 8.72 -47.96
O10 5KQ I . -12.40 8.35 -49.13
N5 5KQ I . -13.30 8.68 -47.06
C5 5KQ I . -14.65 8.18 -47.38
C4 5KQ I . -15.69 9.10 -46.78
O4 5KQ I . -15.59 10.40 -47.38
C3 5KQ I . -17.07 8.52 -47.03
C2 5KQ I . -17.15 7.11 -46.48
C1 5KQ I . -16.96 7.14 -44.96
O1B 5KQ I . -16.34 6.18 -44.45
O1A 5KQ I . -17.46 8.11 -44.35
O2 5KQ I . -18.44 6.55 -46.78
O6 5KQ I . -16.13 6.29 -47.09
C6 5KQ I . -14.81 6.78 -46.79
C7 5KQ I . -13.82 5.77 -47.31
O7 5KQ I . -12.88 6.12 -48.32
C8 5KQ I . -13.19 5.12 -46.11
O8 5KQ I . -14.21 4.35 -45.46
C9 5KQ I . -12.12 4.15 -46.54
NAD 5KQ I . -11.40 3.66 -45.35
CAB 5KQ I . -10.40 2.77 -45.45
OAC 5KQ I . -9.98 2.31 -46.51
CAA 5KQ I . -9.77 2.37 -44.11
C1 NAG J . 2.74 5.20 31.50
C2 NAG J . 3.08 6.50 32.22
C3 NAG J . 2.61 7.71 31.40
C4 NAG J . 3.05 7.61 29.94
C5 NAG J . 2.84 6.21 29.35
C6 NAG J . 3.57 6.06 28.04
C7 NAG J . 3.15 6.10 34.65
C8 NAG J . 2.39 6.20 35.94
N2 NAG J . 2.50 6.53 33.56
O3 NAG J . 3.17 8.88 31.97
O4 NAG J . 2.31 8.51 29.12
O5 NAG J . 3.35 5.19 30.23
O6 NAG J . 3.52 7.27 27.31
O7 NAG J . 4.30 5.66 34.61
#